data_6X3B
#
_entry.id   6X3B
#
_cell.length_a   97.680
_cell.length_b   54.050
_cell.length_c   137.920
_cell.angle_alpha   90.000
_cell.angle_beta   107.700
_cell.angle_gamma   90.000
#
_symmetry.space_group_name_H-M   'P 1 21 1'
#
loop_
_entity.id
_entity.type
_entity.pdbx_description
1 polymer 'GDP-6-deoxy-D-mannose reductase'
2 non-polymer 'NADPH DIHYDRO-NICOTINAMIDE-ADENINE-DINUCLEOTIDE PHOSPHATE'
3 non-polymer 'NITRATE ION'
4 non-polymer 'PYROPHOSPHATE 2-'
5 water water
#
_entity_poly.entity_id   1
_entity_poly.type   'polypeptide(L)'
_entity_poly.pdbx_seq_one_letter_code
;MGSSHHHHHHSSENLYFQGHMTQRLFVTGLSGFVGKHLQAYLAAAHTPWALLPVPHRYDLLEPDSLGDLWPELPDAVIHL
AGQTYVPEAFRDPARTLQINLLGTLNLLQALKARGFSGTFLYISSGDVYGQVAEAALPIHEELIPHPRNPYAVSKLAAES
LCLQWGITEGWRVLVARPFNHIGPGQKDSFVIASAARQIARMKQGLQANRLEVGDIDVSRDFLDVQDVLSAYLRLLSHGE
AGAVYNVCSGQEQKIRELIELLADIAQVELEIVQDPARMRRAEQRRVRGSHARLHDATGWKPEITIKQSLRAILSDWESR
VREE
;
_entity_poly.pdbx_strand_id   A,B,C,D
#
# COMPACT_ATOMS: atom_id res chain seq x y z
N GLN A 18 24.50 5.69 16.74
CA GLN A 18 24.03 6.31 17.99
C GLN A 18 22.56 5.98 18.29
N GLY A 19 22.33 5.37 19.45
CA GLY A 19 20.97 5.15 19.92
C GLY A 19 20.22 4.10 19.12
N HIS A 20 18.93 4.36 18.91
CA HIS A 20 17.99 3.42 18.33
C HIS A 20 17.87 3.58 16.82
N MET A 21 17.47 2.49 16.16
CA MET A 21 16.88 2.58 14.83
C MET A 21 15.47 3.15 14.98
N THR A 22 15.27 4.40 14.58
CA THR A 22 14.05 5.13 14.86
C THR A 22 12.87 4.67 14.00
N GLN A 23 11.68 4.64 14.60
CA GLN A 23 10.43 4.35 13.90
C GLN A 23 9.44 5.47 14.17
N ARG A 24 8.62 5.76 13.16
CA ARG A 24 7.67 6.88 13.23
C ARG A 24 6.38 6.39 13.89
N LEU A 25 5.95 7.12 14.91
CA LEU A 25 4.80 6.74 15.72
C LEU A 25 3.76 7.85 15.65
N PHE A 26 2.53 7.50 15.27
CA PHE A 26 1.42 8.44 15.32
C PHE A 26 0.48 8.01 16.45
N VAL A 27 0.03 8.97 17.25
CA VAL A 27 -0.82 8.73 18.41
C VAL A 27 -2.08 9.57 18.27
N THR A 28 -3.24 8.93 18.28
CA THR A 28 -4.47 9.69 18.41
C THR A 28 -4.73 9.99 19.87
N GLY A 29 -5.57 11.01 20.12
CA GLY A 29 -5.91 11.33 21.49
C GLY A 29 -4.80 11.97 22.27
N LEU A 30 -3.85 12.60 21.60
CA LEU A 30 -2.71 13.16 22.31
C LEU A 30 -3.13 14.24 23.31
N SER A 31 -4.29 14.86 23.12
CA SER A 31 -4.71 15.92 24.03
C SER A 31 -5.41 15.40 25.29
N GLY A 32 -5.70 14.11 25.38
CA GLY A 32 -6.39 13.58 26.54
C GLY A 32 -5.44 13.27 27.69
N PHE A 33 -5.98 12.58 28.70
CA PHE A 33 -5.25 12.27 29.93
C PHE A 33 -3.99 11.45 29.64
N VAL A 34 -4.15 10.30 28.99
CA VAL A 34 -3.01 9.42 28.74
C VAL A 34 -2.09 10.02 27.67
N GLY A 35 -2.71 10.58 26.63
CA GLY A 35 -1.96 11.18 25.51
C GLY A 35 -0.95 12.21 25.97
N LYS A 36 -1.37 13.14 26.84
CA LYS A 36 -0.48 14.20 27.36
C LYS A 36 0.71 13.57 28.09
N HIS A 37 0.46 12.52 28.87
CA HIS A 37 1.55 11.82 29.59
C HIS A 37 2.46 11.10 28.58
N LEU A 38 1.89 10.57 27.49
CA LEU A 38 2.73 9.87 26.51
C LEU A 38 3.61 10.85 25.75
N GLN A 39 3.07 12.00 25.36
CA GLN A 39 3.90 13.00 24.69
C GLN A 39 5.06 13.44 25.59
N ALA A 40 4.80 13.63 26.88
CA ALA A 40 5.88 14.01 27.80
C ALA A 40 6.89 12.87 27.94
N TYR A 41 6.40 11.64 28.08
CA TYR A 41 7.26 10.47 28.17
C TYR A 41 8.19 10.40 26.97
N LEU A 42 7.65 10.51 25.77
CA LEU A 42 8.46 10.40 24.56
C LEU A 42 9.45 11.56 24.43
N ALA A 43 9.17 12.69 25.06
CA ALA A 43 10.10 13.81 24.97
C ALA A 43 11.29 13.62 25.91
N ALA A 44 11.10 12.90 27.01
CA ALA A 44 12.11 12.78 28.04
C ALA A 44 12.91 11.49 27.97
N ALA A 45 12.39 10.44 27.36
CA ALA A 45 12.95 9.10 27.49
C ALA A 45 13.70 8.70 26.22
N HIS A 46 14.55 7.67 26.37
CA HIS A 46 15.31 7.11 25.26
C HIS A 46 14.49 5.96 24.68
N THR A 47 14.05 6.14 23.43
CA THR A 47 13.07 5.23 22.86
C THR A 47 13.32 5.17 21.36
N PRO A 48 12.94 4.07 20.70
CA PRO A 48 13.02 4.07 19.24
C PRO A 48 11.87 4.79 18.57
N TRP A 49 10.88 5.25 19.33
CA TRP A 49 9.68 5.85 18.76
C TRP A 49 9.84 7.36 18.64
N ALA A 50 9.73 7.86 17.42
CA ALA A 50 9.71 9.30 17.16
C ALA A 50 8.27 9.71 16.95
N LEU A 51 7.76 10.57 17.83
CA LEU A 51 6.36 10.98 17.76
C LEU A 51 6.12 11.92 16.59
N LEU A 52 5.21 11.52 15.70
CA LEU A 52 4.89 12.37 14.55
C LEU A 52 4.03 13.57 14.99
N PRO A 53 4.23 14.72 14.36
CA PRO A 53 3.34 15.86 14.64
C PRO A 53 1.94 15.61 14.07
N VAL A 54 0.98 16.31 14.66
CA VAL A 54 -0.40 16.29 14.18
C VAL A 54 -0.58 17.55 13.33
N PRO A 55 -0.77 17.43 12.01
CA PRO A 55 -0.78 18.63 11.16
C PRO A 55 -1.92 19.60 11.42
N HIS A 56 -3.06 19.13 11.92
CA HIS A 56 -4.22 20.00 12.12
C HIS A 56 -5.21 19.24 12.99
N ARG A 57 -6.19 19.96 13.53
CA ARG A 57 -7.23 19.31 14.33
C ARG A 57 -8.02 18.35 13.44
N TYR A 58 -8.47 17.25 14.03
CA TYR A 58 -9.21 16.26 13.27
C TYR A 58 -10.32 15.70 14.11
N ASP A 59 -11.32 15.16 13.43
CA ASP A 59 -12.48 14.52 14.04
C ASP A 59 -12.60 13.13 13.44
N LEU A 60 -12.53 12.10 14.30
CA LEU A 60 -12.61 10.72 13.82
C LEU A 60 -13.95 10.42 13.19
N LEU A 61 -14.99 11.18 13.53
CA LEU A 61 -16.28 11.07 12.87
C LEU A 61 -16.32 11.65 11.46
N GLU A 62 -15.28 12.38 11.03
CA GLU A 62 -15.30 13.07 9.75
C GLU A 62 -14.14 12.58 8.89
N PRO A 63 -14.36 11.61 8.00
CA PRO A 63 -13.25 11.09 7.17
C PRO A 63 -12.47 12.16 6.41
N ASP A 64 -13.10 13.25 5.97
CA ASP A 64 -12.33 14.27 5.24
C ASP A 64 -11.29 14.96 6.10
N SER A 65 -11.48 14.98 7.43
CA SER A 65 -10.49 15.61 8.30
C SER A 65 -9.27 14.71 8.54
N LEU A 66 -9.30 13.45 8.12
CA LEU A 66 -8.21 12.52 8.37
C LEU A 66 -7.23 12.42 7.21
N GLY A 67 -7.64 12.84 6.02
CA GLY A 67 -6.88 12.61 4.81
C GLY A 67 -5.39 12.91 4.85
N ASP A 68 -5.01 14.13 5.23
CA ASP A 68 -3.63 14.58 5.15
C ASP A 68 -2.93 14.61 6.51
N LEU A 69 -3.29 13.71 7.42
CA LEU A 69 -2.68 13.73 8.75
C LEU A 69 -1.25 13.19 8.77
N TRP A 70 -0.81 12.50 7.72
CA TRP A 70 0.47 11.77 7.75
C TRP A 70 1.34 12.18 6.57
N PRO A 71 1.88 13.40 6.56
CA PRO A 71 2.90 13.73 5.55
C PRO A 71 4.04 12.72 5.53
N GLU A 72 4.59 12.37 6.70
CA GLU A 72 5.41 11.17 6.83
C GLU A 72 4.56 10.02 7.36
N LEU A 73 4.74 8.83 6.77
CA LEU A 73 3.92 7.65 7.10
C LEU A 73 4.34 7.07 8.45
N PRO A 74 3.41 6.80 9.36
CA PRO A 74 3.79 6.14 10.61
C PRO A 74 4.13 4.67 10.37
N ASP A 75 5.14 4.19 11.10
CA ASP A 75 5.41 2.77 11.23
C ASP A 75 4.48 2.11 12.23
N ALA A 76 3.97 2.89 13.17
CA ALA A 76 3.12 2.36 14.22
C ALA A 76 2.14 3.44 14.63
N VAL A 77 0.98 3.00 15.09
CA VAL A 77 -0.09 3.87 15.55
C VAL A 77 -0.55 3.36 16.90
N ILE A 78 -0.70 4.27 17.86
CA ILE A 78 -1.39 3.97 19.12
C ILE A 78 -2.67 4.77 19.11
N HIS A 79 -3.80 4.08 19.23
CA HIS A 79 -5.11 4.70 19.08
C HIS A 79 -5.71 4.81 20.48
N LEU A 80 -5.61 6.01 21.06
CA LEU A 80 -6.18 6.35 22.35
C LEU A 80 -7.51 7.07 22.26
N ALA A 81 -7.77 7.78 21.17
CA ALA A 81 -8.85 8.75 21.14
C ALA A 81 -10.23 8.10 21.20
N GLY A 82 -11.14 8.76 21.90
CA GLY A 82 -12.51 8.27 21.93
C GLY A 82 -13.30 8.89 23.06
N GLN A 83 -14.50 8.35 23.22
CA GLN A 83 -15.44 8.77 24.24
C GLN A 83 -15.23 7.81 25.41
N THR A 84 -14.69 8.33 26.52
CA THR A 84 -14.15 7.44 27.54
C THR A 84 -14.92 7.49 28.85
N TYR A 85 -16.06 8.17 28.89
CA TYR A 85 -16.81 8.37 30.11
C TYR A 85 -18.05 7.46 30.12
N VAL A 86 -18.14 6.56 31.10
CA VAL A 86 -19.27 5.65 31.17
C VAL A 86 -20.61 6.37 31.31
N PRO A 87 -20.75 7.39 32.16
CA PRO A 87 -22.08 8.06 32.22
C PRO A 87 -22.47 8.69 30.90
N GLU A 88 -21.51 9.26 30.15
CA GLU A 88 -21.85 9.82 28.85
C GLU A 88 -22.30 8.73 27.86
N ALA A 89 -21.72 7.54 27.97
CA ALA A 89 -22.12 6.46 27.08
C ALA A 89 -23.53 6.00 27.41
N PHE A 90 -23.88 5.94 28.69
CA PHE A 90 -25.27 5.61 29.03
C PHE A 90 -26.23 6.68 28.53
N ARG A 91 -25.79 7.95 28.59
CA ARG A 91 -26.64 9.05 28.15
C ARG A 91 -26.91 9.00 26.65
N ASP A 92 -25.88 8.69 25.86
CA ASP A 92 -25.99 8.67 24.40
C ASP A 92 -25.18 7.51 23.85
N PRO A 93 -25.72 6.29 23.92
CA PRO A 93 -24.96 5.10 23.47
C PRO A 93 -24.60 5.15 21.99
N ALA A 94 -25.51 5.64 21.14
CA ALA A 94 -25.23 5.71 19.72
C ALA A 94 -23.99 6.56 19.46
N ARG A 95 -23.89 7.72 20.10
CA ARG A 95 -22.73 8.58 19.88
C ARG A 95 -21.45 7.92 20.36
N THR A 96 -21.52 7.19 21.48
CA THR A 96 -20.32 6.49 21.94
C THR A 96 -19.93 5.39 20.95
N LEU A 97 -20.91 4.68 20.40
CA LEU A 97 -20.60 3.67 19.39
C LEU A 97 -20.03 4.31 18.14
N GLN A 98 -20.61 5.44 17.70
CA GLN A 98 -20.11 6.12 16.52
C GLN A 98 -18.65 6.54 16.70
N ILE A 99 -18.35 7.18 17.82
CA ILE A 99 -16.99 7.68 18.05
C ILE A 99 -16.01 6.52 18.20
N ASN A 100 -16.35 5.57 19.07
CA ASN A 100 -15.37 4.56 19.44
C ASN A 100 -15.26 3.45 18.40
N LEU A 101 -16.33 3.14 17.69
CA LEU A 101 -16.26 2.06 16.71
C LEU A 101 -16.15 2.61 15.30
N LEU A 102 -17.13 3.43 14.89
CA LEU A 102 -17.06 4.00 13.54
C LEU A 102 -15.87 4.95 13.41
N GLY A 103 -15.51 5.64 14.49
CA GLY A 103 -14.32 6.49 14.43
C GLY A 103 -13.05 5.68 14.25
N THR A 104 -12.97 4.53 14.92
CA THR A 104 -11.83 3.64 14.70
C THR A 104 -11.80 3.12 13.26
N LEU A 105 -12.97 2.78 12.72
CA LEU A 105 -13.03 2.35 11.33
C LEU A 105 -12.58 3.46 10.39
N ASN A 106 -13.05 4.70 10.64
CA ASN A 106 -12.61 5.78 9.77
C ASN A 106 -11.09 5.95 9.83
N LEU A 107 -10.52 5.88 11.03
CA LEU A 107 -9.06 5.95 11.14
C LEU A 107 -8.38 4.83 10.36
N LEU A 108 -8.86 3.60 10.53
CA LEU A 108 -8.25 2.47 9.83
C LEU A 108 -8.30 2.67 8.32
N GLN A 109 -9.45 3.12 7.80
CA GLN A 109 -9.59 3.32 6.35
C GLN A 109 -8.69 4.46 5.85
N ALA A 110 -8.60 5.56 6.62
CA ALA A 110 -7.72 6.65 6.24
C ALA A 110 -6.26 6.19 6.19
N LEU A 111 -5.82 5.45 7.21
CA LEU A 111 -4.47 4.88 7.22
C LEU A 111 -4.26 3.98 6.02
N LYS A 112 -5.25 3.12 5.72
CA LYS A 112 -5.15 2.23 4.58
C LYS A 112 -4.99 3.02 3.28
N ALA A 113 -5.82 4.04 3.08
CA ALA A 113 -5.75 4.81 1.84
C ALA A 113 -4.41 5.51 1.68
N ARG A 114 -3.80 5.90 2.80
CA ARG A 114 -2.50 6.59 2.76
C ARG A 114 -1.34 5.63 2.47
N GLY A 115 -1.55 4.34 2.66
CA GLY A 115 -0.51 3.35 2.42
C GLY A 115 0.04 2.70 3.67
N PHE A 116 -0.55 3.00 4.83
CA PHE A 116 -0.13 2.37 6.07
C PHE A 116 -0.23 0.86 5.97
N SER A 117 0.75 0.16 6.55
CA SER A 117 0.66 -1.28 6.70
C SER A 117 1.49 -1.74 7.89
N GLY A 118 1.71 -0.86 8.86
CA GLY A 118 2.52 -1.14 10.04
C GLY A 118 1.76 -1.66 11.25
N THR A 119 2.22 -1.27 12.43
CA THR A 119 1.68 -1.79 13.68
C THR A 119 0.58 -0.87 14.20
N PHE A 120 -0.56 -1.45 14.53
CA PHE A 120 -1.70 -0.70 15.05
C PHE A 120 -2.01 -1.25 16.44
N LEU A 121 -1.77 -0.45 17.47
CA LEU A 121 -2.08 -0.85 18.84
C LEU A 121 -3.38 -0.17 19.26
N TYR A 122 -4.44 -0.96 19.41
CA TYR A 122 -5.73 -0.45 19.83
C TYR A 122 -5.79 -0.49 21.35
N ILE A 123 -6.16 0.63 21.96
CA ILE A 123 -6.24 0.72 23.41
C ILE A 123 -7.69 0.48 23.80
N SER A 124 -7.94 -0.69 24.40
CA SER A 124 -9.27 -1.06 24.88
C SER A 124 -9.38 -0.72 26.36
N SER A 125 -9.95 -1.61 27.17
CA SER A 125 -10.12 -1.37 28.60
C SER A 125 -10.39 -2.68 29.31
N GLY A 126 -9.84 -2.81 30.51
CA GLY A 126 -10.20 -3.96 31.35
C GLY A 126 -11.68 -3.97 31.73
N ASP A 127 -12.40 -2.88 31.45
CA ASP A 127 -13.83 -2.83 31.70
C ASP A 127 -14.62 -3.75 30.77
N VAL A 128 -14.02 -4.23 29.67
CA VAL A 128 -14.77 -5.14 28.81
C VAL A 128 -15.13 -6.44 29.52
N TYR A 129 -14.37 -6.83 30.55
CA TYR A 129 -14.64 -8.15 31.14
C TYR A 129 -15.98 -8.19 31.87
N GLY A 130 -16.43 -7.07 32.44
CA GLY A 130 -17.69 -7.12 33.19
C GLY A 130 -17.55 -7.81 34.54
N GLN A 131 -18.60 -8.51 34.94
CA GLN A 131 -18.62 -9.16 36.24
C GLN A 131 -17.80 -10.43 36.19
N VAL A 132 -16.84 -10.55 37.11
CA VAL A 132 -15.96 -11.71 37.14
C VAL A 132 -16.04 -12.32 38.54
N ALA A 133 -16.25 -13.62 38.61
CA ALA A 133 -16.33 -14.28 39.91
C ALA A 133 -14.96 -14.27 40.58
N GLU A 134 -14.96 -14.12 41.91
CA GLU A 134 -13.70 -14.09 42.64
C GLU A 134 -12.85 -15.33 42.36
N ALA A 135 -13.49 -16.47 42.12
CA ALA A 135 -12.77 -17.70 41.82
C ALA A 135 -12.07 -17.64 40.48
N ALA A 136 -12.50 -16.78 39.57
CA ALA A 136 -11.84 -16.60 38.28
C ALA A 136 -10.69 -15.61 38.33
N LEU A 137 -10.46 -14.97 39.48
CA LEU A 137 -9.33 -14.06 39.60
C LEU A 137 -8.03 -14.85 39.71
N PRO A 138 -6.92 -14.34 39.16
CA PRO A 138 -6.81 -13.08 38.43
C PRO A 138 -7.31 -13.18 36.99
N ILE A 139 -7.90 -12.09 36.49
CA ILE A 139 -8.49 -12.10 35.15
C ILE A 139 -7.42 -12.32 34.10
N HIS A 140 -7.65 -13.29 33.21
CA HIS A 140 -6.72 -13.57 32.13
C HIS A 140 -7.44 -13.41 30.80
N GLU A 141 -6.65 -13.31 29.73
CA GLU A 141 -7.20 -12.94 28.43
C GLU A 141 -8.07 -14.03 27.80
N GLU A 142 -8.11 -15.23 28.36
CA GLU A 142 -8.95 -16.29 27.82
C GLU A 142 -10.33 -16.30 28.46
N LEU A 143 -10.58 -15.39 29.39
CA LEU A 143 -11.90 -15.29 30.00
C LEU A 143 -12.82 -14.55 29.05
N ILE A 144 -13.99 -15.12 28.78
CA ILE A 144 -14.92 -14.48 27.86
C ILE A 144 -15.44 -13.18 28.50
N PRO A 145 -15.35 -12.05 27.81
CA PRO A 145 -15.81 -10.78 28.39
C PRO A 145 -17.32 -10.63 28.29
N HIS A 146 -17.89 -9.91 29.27
CA HIS A 146 -19.35 -9.68 29.34
C HIS A 146 -19.58 -8.22 29.65
N PRO A 147 -19.38 -7.33 28.67
CA PRO A 147 -19.48 -5.88 28.92
C PRO A 147 -20.82 -5.49 29.48
N ARG A 148 -20.80 -4.56 30.45
CA ARG A 148 -22.00 -4.19 31.19
C ARG A 148 -22.45 -2.76 30.94
N ASN A 149 -21.78 -2.02 30.06
CA ASN A 149 -22.18 -0.67 29.76
C ASN A 149 -21.83 -0.38 28.30
N PRO A 150 -22.44 0.63 27.68
CA PRO A 150 -22.17 0.87 26.25
C PRO A 150 -20.74 1.27 25.94
N TYR A 151 -20.03 1.90 26.87
CA TYR A 151 -18.61 2.16 26.63
C TYR A 151 -17.84 0.84 26.51
N ALA A 152 -18.07 -0.09 27.45
CA ALA A 152 -17.35 -1.36 27.40
C ALA A 152 -17.76 -2.15 26.16
N VAL A 153 -19.04 -2.09 25.77
CA VAL A 153 -19.50 -2.69 24.51
C VAL A 153 -18.71 -2.13 23.33
N SER A 154 -18.60 -0.80 23.25
CA SER A 154 -17.90 -0.18 22.13
C SER A 154 -16.41 -0.53 22.10
N LYS A 155 -15.79 -0.71 23.26
CA LYS A 155 -14.38 -1.10 23.27
C LYS A 155 -14.19 -2.53 22.74
N LEU A 156 -15.04 -3.46 23.18
CA LEU A 156 -14.94 -4.83 22.69
C LEU A 156 -15.22 -4.91 21.20
N ALA A 157 -16.22 -4.15 20.75
CA ALA A 157 -16.52 -4.13 19.32
C ALA A 157 -15.33 -3.58 18.52
N ALA A 158 -14.68 -2.53 19.02
CA ALA A 158 -13.54 -1.97 18.28
C ALA A 158 -12.34 -2.90 18.31
N GLU A 159 -12.14 -3.62 19.42
CA GLU A 159 -11.12 -4.69 19.47
C GLU A 159 -11.31 -5.65 18.31
N SER A 160 -12.53 -6.18 18.16
CA SER A 160 -12.84 -7.16 17.12
C SER A 160 -12.56 -6.57 15.74
N LEU A 161 -13.03 -5.34 15.50
CA LEU A 161 -12.79 -4.66 14.24
C LEU A 161 -11.30 -4.56 13.94
N CYS A 162 -10.52 -4.02 14.89
CA CYS A 162 -9.08 -3.87 14.65
C CYS A 162 -8.43 -5.22 14.37
N LEU A 163 -8.79 -6.25 15.12
CA LEU A 163 -8.18 -7.56 14.89
C LEU A 163 -8.64 -8.14 13.56
N GLN A 164 -9.88 -7.87 13.16
CA GLN A 164 -10.34 -8.28 11.83
C GLN A 164 -9.54 -7.60 10.75
N TRP A 165 -9.21 -6.30 10.94
CA TRP A 165 -8.37 -5.59 9.99
C TRP A 165 -6.99 -6.22 9.92
N GLY A 166 -6.45 -6.68 11.05
CA GLY A 166 -5.16 -7.33 11.00
C GLY A 166 -5.21 -8.61 10.20
N ILE A 167 -6.30 -9.37 10.33
CA ILE A 167 -6.48 -10.58 9.54
C ILE A 167 -6.64 -10.23 8.07
N THR A 168 -7.49 -9.25 7.75
CA THR A 168 -7.82 -8.96 6.36
C THR A 168 -6.69 -8.22 5.66
N GLU A 169 -6.08 -7.25 6.33
CA GLU A 169 -5.06 -6.43 5.67
C GLU A 169 -3.64 -6.92 5.88
N GLY A 170 -3.40 -7.82 6.82
CA GLY A 170 -2.05 -8.26 7.11
C GLY A 170 -1.25 -7.34 8.02
N TRP A 171 -1.87 -6.31 8.58
CA TRP A 171 -1.17 -5.44 9.51
C TRP A 171 -0.89 -6.17 10.83
N ARG A 172 0.13 -5.69 11.53
CA ARG A 172 0.43 -6.14 12.89
C ARG A 172 -0.47 -5.36 13.85
N VAL A 173 -1.56 -6.01 14.28
CA VAL A 173 -2.54 -5.41 15.17
C VAL A 173 -2.38 -6.00 16.56
N LEU A 174 -2.33 -5.12 17.55
CA LEU A 174 -2.23 -5.51 18.95
C LEU A 174 -3.36 -4.83 19.72
N VAL A 175 -3.82 -5.50 20.77
CA VAL A 175 -4.86 -4.97 21.62
C VAL A 175 -4.34 -4.98 23.06
N ALA A 176 -4.47 -3.84 23.73
CA ALA A 176 -4.17 -3.76 25.15
C ALA A 176 -5.47 -3.50 25.91
N ARG A 177 -5.65 -4.19 27.04
CA ARG A 177 -6.76 -3.97 27.97
C ARG A 177 -6.22 -3.43 29.28
N PRO A 178 -6.04 -2.12 29.41
CA PRO A 178 -5.51 -1.58 30.67
C PRO A 178 -6.58 -1.57 31.74
N PHE A 179 -6.15 -1.83 32.97
CA PHE A 179 -7.08 -1.73 34.09
C PHE A 179 -6.95 -0.31 34.67
N ASN A 180 -7.22 -0.15 35.96
CA ASN A 180 -7.26 1.19 36.59
C ASN A 180 -5.96 1.98 36.40
N HIS A 181 -6.04 3.23 36.06
CA HIS A 181 -4.89 4.16 35.87
C HIS A 181 -4.84 5.16 37.03
N ILE A 182 -3.69 5.61 37.39
CA ILE A 182 -3.50 6.68 38.42
C ILE A 182 -2.55 7.70 37.82
N GLY A 183 -2.94 8.97 37.76
CA GLY A 183 -2.04 9.99 37.25
C GLY A 183 -2.63 11.38 37.30
N PRO A 184 -1.77 12.39 37.26
CA PRO A 184 -2.25 13.76 37.08
C PRO A 184 -3.09 13.88 35.80
N GLY A 185 -4.26 14.51 35.93
CA GLY A 185 -5.14 14.70 34.79
C GLY A 185 -6.25 13.67 34.66
N GLN A 186 -6.23 12.61 35.48
CA GLN A 186 -7.29 11.61 35.45
C GLN A 186 -8.66 12.26 35.70
N LYS A 187 -9.73 11.60 35.26
CA LYS A 187 -11.09 12.10 35.47
C LYS A 187 -11.39 12.29 36.96
N ASP A 188 -11.88 13.47 37.32
CA ASP A 188 -12.24 13.72 38.71
C ASP A 188 -13.34 12.78 39.22
N SER A 189 -14.09 12.14 38.33
CA SER A 189 -15.14 11.23 38.78
C SER A 189 -14.58 9.94 39.37
N PHE A 190 -13.32 9.62 39.10
CA PHE A 190 -12.69 8.48 39.77
C PHE A 190 -12.43 8.81 41.24
N VAL A 191 -12.75 7.85 42.12
CA VAL A 191 -12.73 8.16 43.55
C VAL A 191 -11.32 8.55 44.02
N ILE A 192 -10.28 7.92 43.47
CA ILE A 192 -8.94 8.24 43.93
C ILE A 192 -8.53 9.64 43.46
N ALA A 193 -8.86 9.97 42.21
CA ALA A 193 -8.57 11.31 41.73
C ALA A 193 -9.34 12.36 42.51
N SER A 194 -10.61 12.09 42.80
CA SER A 194 -11.41 13.05 43.57
C SER A 194 -10.88 13.18 44.99
N ALA A 195 -10.51 12.06 45.62
CA ALA A 195 -9.98 12.09 46.97
C ALA A 195 -8.70 12.92 47.03
N ALA A 196 -7.81 12.76 46.06
CA ALA A 196 -6.58 13.54 46.04
C ALA A 196 -6.88 15.02 45.87
N ARG A 197 -7.77 15.38 44.94
CA ARG A 197 -8.12 16.77 44.76
C ARG A 197 -8.63 17.37 46.07
N GLN A 198 -9.56 16.67 46.74
CA GLN A 198 -10.14 17.20 47.96
C GLN A 198 -9.11 17.31 49.08
N ILE A 199 -8.20 16.35 49.18
CA ILE A 199 -7.21 16.39 50.25
C ILE A 199 -6.23 17.54 50.02
N ALA A 200 -5.85 17.80 48.77
CA ALA A 200 -5.02 18.97 48.49
C ALA A 200 -5.74 20.25 48.88
N ARG A 201 -7.06 20.30 48.73
CA ARG A 201 -7.81 21.47 49.18
C ARG A 201 -7.80 21.57 50.70
N MET A 202 -7.87 20.44 51.40
CA MET A 202 -7.75 20.47 52.86
C MET A 202 -6.38 21.01 53.29
N LYS A 203 -5.30 20.59 52.63
CA LYS A 203 -3.97 21.09 52.97
C LYS A 203 -3.93 22.61 52.96
N GLN A 204 -4.65 23.23 52.02
CA GLN A 204 -4.62 24.66 51.85
C GLN A 204 -5.79 25.35 52.53
N GLY A 205 -6.50 24.64 53.41
CA GLY A 205 -7.61 25.23 54.12
C GLY A 205 -8.78 25.64 53.26
N LEU A 206 -8.96 25.03 52.09
CA LEU A 206 -10.05 25.38 51.19
C LEU A 206 -11.29 24.52 51.40
N GLN A 207 -11.23 23.47 52.22
CA GLN A 207 -12.40 22.68 52.55
C GLN A 207 -12.11 21.89 53.81
N ALA A 208 -13.18 21.50 54.51
CA ALA A 208 -13.04 20.83 55.78
C ALA A 208 -12.43 19.44 55.60
N ASN A 209 -11.80 18.94 56.67
CA ASN A 209 -11.15 17.61 56.66
C ASN A 209 -12.21 16.52 56.67
N ARG A 210 -13.11 16.52 55.68
CA ARG A 210 -14.19 15.51 55.59
C ARG A 210 -14.28 14.99 54.15
N LEU A 211 -14.35 13.66 54.00
CA LEU A 211 -14.46 13.07 52.67
C LEU A 211 -15.78 12.32 52.56
N GLU A 212 -16.63 12.71 51.60
CA GLU A 212 -17.90 12.04 51.39
C GLU A 212 -17.72 10.99 50.29
N VAL A 213 -17.93 9.73 50.63
CA VAL A 213 -17.63 8.63 49.72
C VAL A 213 -18.88 7.78 49.50
N GLY A 214 -18.84 7.00 48.41
CA GLY A 214 -19.76 5.91 48.20
C GLY A 214 -19.16 4.62 48.72
N ASP A 215 -19.28 3.53 47.98
CA ASP A 215 -18.69 2.27 48.40
C ASP A 215 -17.19 2.31 48.09
N ILE A 216 -16.38 2.35 49.14
CA ILE A 216 -14.92 2.32 49.02
C ILE A 216 -14.34 1.03 49.54
N ASP A 217 -15.17 0.10 49.99
CA ASP A 217 -14.67 -1.19 50.46
C ASP A 217 -14.67 -2.21 49.33
N VAL A 218 -14.08 -1.80 48.21
CA VAL A 218 -13.83 -2.66 47.06
C VAL A 218 -12.35 -2.56 46.73
N SER A 219 -11.84 -3.56 46.03
CA SER A 219 -10.45 -3.54 45.60
C SER A 219 -10.38 -3.48 44.07
N ARG A 220 -9.35 -2.82 43.55
CA ARG A 220 -9.17 -2.72 42.10
C ARG A 220 -7.68 -2.87 41.79
N ASP A 221 -7.40 -3.11 40.52
CA ASP A 221 -6.04 -3.26 40.03
C ASP A 221 -5.59 -1.92 39.41
N PHE A 222 -4.61 -1.27 40.04
CA PHE A 222 -4.12 0.05 39.63
C PHE A 222 -2.70 0.01 39.07
N LEU A 223 -2.44 0.86 38.07
CA LEU A 223 -1.11 1.18 37.58
C LEU A 223 -0.94 2.70 37.49
N ASP A 224 0.28 3.18 37.77
CA ASP A 224 0.61 4.54 37.38
C ASP A 224 0.51 4.67 35.87
N VAL A 225 0.05 5.84 35.40
CA VAL A 225 -0.07 6.06 33.96
C VAL A 225 1.26 5.84 33.25
N GLN A 226 2.38 6.11 33.92
CA GLN A 226 3.68 5.90 33.28
C GLN A 226 3.98 4.42 33.06
N ASP A 227 3.54 3.56 33.98
CA ASP A 227 3.70 2.12 33.75
C ASP A 227 2.79 1.63 32.64
N VAL A 228 1.59 2.23 32.55
CA VAL A 228 0.69 1.90 31.44
C VAL A 228 1.33 2.29 30.10
N LEU A 229 1.88 3.52 30.03
CA LEU A 229 2.55 3.96 28.82
C LEU A 229 3.70 3.03 28.45
N SER A 230 4.48 2.62 29.44
CA SER A 230 5.65 1.82 29.12
C SER A 230 5.23 0.46 28.58
N ALA A 231 4.11 -0.06 29.08
CA ALA A 231 3.55 -1.29 28.54
C ALA A 231 3.15 -1.14 27.09
N TYR A 232 2.55 0.02 26.71
CA TYR A 232 2.14 0.20 25.31
C TYR A 232 3.35 0.24 24.38
N LEU A 233 4.41 0.94 24.79
CA LEU A 233 5.60 1.03 23.94
C LEU A 233 6.30 -0.33 23.83
N ARG A 234 6.31 -1.11 24.91
CA ARG A 234 6.92 -2.45 24.83
C ARG A 234 6.06 -3.39 23.98
N LEU A 235 4.75 -3.18 23.97
CA LEU A 235 3.90 -3.94 23.06
C LEU A 235 4.23 -3.62 21.61
N LEU A 236 4.39 -2.32 21.29
CA LEU A 236 4.81 -1.94 19.94
C LEU A 236 6.11 -2.64 19.57
N SER A 237 7.04 -2.74 20.52
CA SER A 237 8.33 -3.34 20.21
C SER A 237 8.26 -4.86 20.14
N HIS A 238 7.41 -5.50 20.94
CA HIS A 238 7.54 -6.94 21.18
C HIS A 238 6.25 -7.74 21.08
N GLY A 239 5.08 -7.10 21.01
CA GLY A 239 3.83 -7.84 21.01
C GLY A 239 3.65 -8.73 19.80
N GLU A 240 2.85 -9.77 19.96
CA GLU A 240 2.56 -10.70 18.87
C GLU A 240 1.34 -10.22 18.09
N ALA A 241 1.48 -10.09 16.78
CA ALA A 241 0.38 -9.71 15.90
C ALA A 241 -0.85 -10.55 16.21
N GLY A 242 -2.01 -9.90 16.31
CA GLY A 242 -3.25 -10.60 16.56
C GLY A 242 -3.57 -10.88 18.01
N ALA A 243 -2.71 -10.49 18.96
CA ALA A 243 -2.90 -10.89 20.34
C ALA A 243 -3.49 -9.74 21.18
N VAL A 244 -4.22 -10.13 22.23
CA VAL A 244 -4.81 -9.25 23.22
C VAL A 244 -4.02 -9.36 24.52
N TYR A 245 -3.65 -8.23 25.11
CA TYR A 245 -2.87 -8.21 26.35
C TYR A 245 -3.55 -7.38 27.41
N ASN A 246 -3.75 -7.96 28.60
CA ASN A 246 -4.06 -7.16 29.78
C ASN A 246 -2.86 -6.29 30.14
N VAL A 247 -3.13 -5.05 30.52
CA VAL A 247 -2.10 -4.17 31.09
C VAL A 247 -2.56 -3.84 32.50
N CYS A 248 -1.92 -4.45 33.50
CA CYS A 248 -2.38 -4.36 34.88
C CYS A 248 -1.22 -4.69 35.81
N SER A 249 -1.42 -4.43 37.10
N SER A 249 -1.42 -4.41 37.09
CA SER A 249 -0.39 -4.66 38.09
CA SER A 249 -0.39 -4.67 38.10
C SER A 249 -0.43 -6.07 38.68
C SER A 249 -0.42 -6.08 38.66
N GLY A 250 -1.56 -6.77 38.59
CA GLY A 250 -1.66 -8.03 39.27
C GLY A 250 -1.78 -7.91 40.77
N GLN A 251 -1.96 -6.70 41.30
CA GLN A 251 -2.14 -6.49 42.73
C GLN A 251 -3.46 -5.78 42.99
N GLU A 252 -4.23 -6.30 43.95
CA GLU A 252 -5.43 -5.61 44.42
C GLU A 252 -5.08 -4.52 45.41
N GLN A 253 -5.70 -3.35 45.25
CA GLN A 253 -5.66 -2.30 46.25
C GLN A 253 -7.06 -1.96 46.70
N LYS A 254 -7.27 -1.96 48.02
CA LYS A 254 -8.54 -1.49 48.59
C LYS A 254 -8.62 0.04 48.51
N ILE A 255 -9.75 0.53 47.99
CA ILE A 255 -9.92 1.98 47.84
C ILE A 255 -9.67 2.70 49.15
N ARG A 256 -10.18 2.14 50.26
CA ARG A 256 -10.06 2.80 51.55
C ARG A 256 -8.60 2.93 51.97
N GLU A 257 -7.80 1.88 51.74
CA GLU A 257 -6.38 1.94 52.06
C GLU A 257 -5.64 2.95 51.20
N LEU A 258 -6.03 3.09 49.93
CA LEU A 258 -5.44 4.14 49.10
C LEU A 258 -5.79 5.52 49.64
N ILE A 259 -7.05 5.73 50.05
CA ILE A 259 -7.43 7.02 50.61
C ILE A 259 -6.63 7.32 51.88
N GLU A 260 -6.47 6.31 52.74
CA GLU A 260 -5.67 6.49 53.94
C GLU A 260 -4.22 6.84 53.60
N LEU A 261 -3.66 6.19 52.57
CA LEU A 261 -2.29 6.51 52.17
C LEU A 261 -2.19 7.92 51.61
N LEU A 262 -3.21 8.38 50.88
CA LEU A 262 -3.22 9.76 50.42
C LEU A 262 -3.18 10.73 51.61
N ALA A 263 -4.05 10.52 52.60
CA ALA A 263 -4.05 11.35 53.80
C ALA A 263 -2.69 11.34 54.49
N ASP A 264 -2.09 10.15 54.60
CA ASP A 264 -0.77 10.04 55.22
C ASP A 264 0.27 10.84 54.46
N ILE A 265 0.29 10.69 53.13
CA ILE A 265 1.24 11.44 52.31
C ILE A 265 1.02 12.94 52.47
N ALA A 266 -0.25 13.35 52.57
CA ALA A 266 -0.58 14.78 52.64
C ALA A 266 -0.37 15.37 54.03
N GLN A 267 -0.11 14.54 55.04
CA GLN A 267 0.01 14.96 56.44
C GLN A 267 -1.29 15.62 56.90
N VAL A 268 -2.39 14.97 56.54
CA VAL A 268 -3.74 15.39 56.89
C VAL A 268 -4.41 14.25 57.63
N GLU A 269 -5.24 14.59 58.60
CA GLU A 269 -6.15 13.64 59.21
C GLU A 269 -7.57 14.02 58.78
N LEU A 270 -8.36 13.02 58.39
CA LEU A 270 -9.69 13.29 57.87
C LEU A 270 -10.64 12.21 58.35
N GLU A 271 -11.92 12.55 58.33
CA GLU A 271 -12.96 11.56 58.56
C GLU A 271 -13.62 11.22 57.23
N ILE A 272 -13.84 9.93 57.01
CA ILE A 272 -14.56 9.45 55.85
C ILE A 272 -16.01 9.22 56.27
N VAL A 273 -16.94 9.87 55.56
CA VAL A 273 -18.35 9.79 55.92
C VAL A 273 -19.14 9.23 54.73
N GLN A 274 -20.16 8.43 55.04
CA GLN A 274 -21.05 7.89 54.02
C GLN A 274 -21.83 9.01 53.35
N ASP A 275 -21.84 9.02 52.02
CA ASP A 275 -22.59 10.04 51.27
C ASP A 275 -24.08 9.71 51.23
N ARG A 280 -25.52 2.63 47.78
CA ARG A 280 -25.64 1.29 47.22
C ARG A 280 -24.27 0.62 47.05
N ARG A 281 -24.17 -0.64 47.47
CA ARG A 281 -22.90 -1.42 47.44
C ARG A 281 -22.48 -1.70 45.99
N ALA A 282 -21.16 -1.76 45.75
CA ALA A 282 -20.62 -2.03 44.39
C ALA A 282 -20.92 -3.49 44.02
N GLU A 283 -21.16 -3.75 42.73
CA GLU A 283 -21.47 -5.12 42.25
C GLU A 283 -20.20 -5.96 42.26
N GLN A 284 -19.09 -5.42 41.74
CA GLN A 284 -17.84 -6.17 41.69
C GLN A 284 -16.97 -5.75 42.88
N ARG A 285 -16.82 -6.65 43.85
CA ARG A 285 -16.07 -6.30 45.06
C ARG A 285 -14.56 -6.32 44.83
N ARG A 286 -14.05 -7.19 43.98
CA ARG A 286 -12.61 -7.36 43.84
C ARG A 286 -12.23 -7.54 42.37
N VAL A 287 -11.19 -6.85 41.94
CA VAL A 287 -10.65 -7.01 40.60
C VAL A 287 -9.15 -7.13 40.71
N ARG A 288 -8.62 -8.24 40.19
CA ARG A 288 -7.18 -8.44 40.03
CA ARG A 288 -7.18 -8.42 40.02
C ARG A 288 -6.95 -8.95 38.62
N GLY A 289 -6.06 -8.31 37.87
CA GLY A 289 -5.75 -8.74 36.53
C GLY A 289 -4.48 -9.56 36.50
N SER A 290 -4.35 -10.43 35.48
CA SER A 290 -3.07 -11.09 35.22
C SER A 290 -2.36 -10.41 34.07
N HIS A 291 -1.10 -10.06 34.27
CA HIS A 291 -0.27 -9.52 33.20
C HIS A 291 0.78 -10.51 32.73
N ALA A 292 0.58 -11.81 33.02
CA ALA A 292 1.54 -12.82 32.59
C ALA A 292 1.77 -12.78 31.09
N ARG A 293 0.72 -12.59 30.30
CA ARG A 293 0.89 -12.63 28.86
C ARG A 293 1.77 -11.49 28.38
N LEU A 294 1.50 -10.28 28.88
CA LEU A 294 2.27 -9.11 28.50
C LEU A 294 3.72 -9.22 28.98
N HIS A 295 3.92 -9.70 30.21
CA HIS A 295 5.29 -9.83 30.69
C HIS A 295 6.07 -10.87 29.88
N ASP A 296 5.42 -12.01 29.58
CA ASP A 296 6.12 -13.05 28.82
C ASP A 296 6.45 -12.58 27.41
N ALA A 297 5.59 -11.76 26.81
CA ALA A 297 5.82 -11.36 25.43
C ALA A 297 6.78 -10.17 25.31
N THR A 298 6.87 -9.32 26.33
CA THR A 298 7.55 -8.05 26.20
C THR A 298 8.64 -7.79 27.22
N GLY A 299 8.67 -8.51 28.34
CA GLY A 299 9.55 -8.21 29.43
C GLY A 299 9.05 -7.14 30.38
N TRP A 300 7.94 -6.49 30.01
CA TRP A 300 7.36 -5.39 30.81
C TRP A 300 7.09 -5.81 32.26
N LYS A 301 7.39 -4.90 33.19
CA LYS A 301 7.12 -5.08 34.64
C LYS A 301 6.75 -3.70 35.20
N PRO A 302 5.81 -3.59 36.17
CA PRO A 302 5.48 -2.29 36.76
C PRO A 302 6.71 -1.79 37.54
N GLU A 303 6.99 -0.49 37.46
CA GLU A 303 8.14 0.10 38.13
C GLU A 303 7.80 1.19 39.14
N ILE A 304 6.61 1.80 39.07
CA ILE A 304 6.25 2.93 39.93
C ILE A 304 5.49 2.39 41.12
N THR A 305 5.91 2.78 42.34
CA THR A 305 5.20 2.31 43.52
C THR A 305 3.90 3.11 43.68
N ILE A 306 2.95 2.50 44.39
CA ILE A 306 1.68 3.18 44.63
C ILE A 306 1.91 4.48 45.40
N LYS A 307 2.79 4.47 46.40
CA LYS A 307 3.06 5.69 47.14
C LYS A 307 3.55 6.79 46.21
N GLN A 308 4.50 6.48 45.32
CA GLN A 308 4.94 7.51 44.39
C GLN A 308 3.78 8.00 43.51
N SER A 309 2.92 7.08 43.05
CA SER A 309 1.79 7.47 42.21
C SER A 309 0.86 8.41 42.95
N LEU A 310 0.57 8.11 44.21
CA LEU A 310 -0.35 8.94 44.98
C LEU A 310 0.27 10.30 45.32
N ARG A 311 1.55 10.31 45.66
CA ARG A 311 2.21 11.58 45.91
C ARG A 311 2.18 12.46 44.67
N ALA A 312 2.38 11.86 43.51
CA ALA A 312 2.40 12.61 42.27
C ALA A 312 1.05 13.30 42.03
N ILE A 313 -0.06 12.59 42.27
CA ILE A 313 -1.34 13.26 42.01
C ILE A 313 -1.64 14.32 43.08
N LEU A 314 -1.18 14.13 44.33
CA LEU A 314 -1.37 15.18 45.33
C LEU A 314 -0.56 16.42 44.98
N SER A 315 0.70 16.23 44.57
CA SER A 315 1.56 17.36 44.21
C SER A 315 0.98 18.13 43.04
N ASP A 316 0.46 17.42 42.04
CA ASP A 316 -0.14 18.11 40.91
C ASP A 316 -1.29 18.99 41.37
N TRP A 317 -2.11 18.47 42.26
CA TRP A 317 -3.29 19.21 42.77
C TRP A 317 -2.88 20.45 43.59
N GLU A 318 -1.79 20.36 44.36
CA GLU A 318 -1.35 21.51 45.19
C GLU A 318 -1.15 22.76 44.33
N SER A 319 -0.51 22.62 43.16
CA SER A 319 -0.22 23.79 42.27
C SER A 319 -1.46 24.25 41.50
N ARG A 320 -2.54 23.47 41.53
CA ARG A 320 -3.76 23.82 40.76
C ARG A 320 -4.86 24.36 41.68
N VAL A 321 -4.98 23.82 42.90
CA VAL A 321 -6.03 24.32 43.84
C VAL A 321 -5.54 25.63 44.47
N THR B 22 -50.64 -17.90 25.41
CA THR B 22 -50.39 -17.13 24.19
C THR B 22 -49.67 -15.82 24.52
N GLN B 23 -48.53 -15.63 23.89
CA GLN B 23 -47.73 -14.44 24.08
C GLN B 23 -47.49 -13.75 22.75
N ARG B 24 -47.39 -12.43 22.80
CA ARG B 24 -47.28 -11.63 21.59
C ARG B 24 -45.82 -11.58 21.17
N LEU B 25 -45.56 -11.90 19.92
CA LEU B 25 -44.19 -11.96 19.38
C LEU B 25 -44.06 -10.99 18.23
N PHE B 26 -43.02 -10.15 18.27
CA PHE B 26 -42.71 -9.27 17.17
C PHE B 26 -41.41 -9.76 16.57
N VAL B 27 -41.37 -9.89 15.25
CA VAL B 27 -40.19 -10.36 14.53
C VAL B 27 -39.80 -9.28 13.54
N THR B 28 -38.52 -8.85 13.59
CA THR B 28 -37.98 -8.05 12.51
C THR B 28 -37.48 -8.96 11.40
N GLY B 29 -37.37 -8.40 10.20
CA GLY B 29 -36.86 -9.15 9.07
C GLY B 29 -37.82 -10.17 8.53
N LEU B 30 -39.13 -9.95 8.72
CA LEU B 30 -40.12 -10.93 8.25
C LEU B 30 -40.11 -11.10 6.75
N SER B 31 -39.65 -10.10 5.99
CA SER B 31 -39.63 -10.21 4.54
C SER B 31 -38.41 -10.99 4.03
N GLY B 32 -37.49 -11.37 4.91
CA GLY B 32 -36.28 -12.07 4.51
C GLY B 32 -36.49 -13.57 4.39
N PHE B 33 -35.39 -14.26 4.07
CA PHE B 33 -35.42 -15.72 3.89
C PHE B 33 -35.91 -16.44 5.14
N VAL B 34 -35.27 -16.19 6.28
CA VAL B 34 -35.68 -16.89 7.50
C VAL B 34 -37.05 -16.39 7.95
N GLY B 35 -37.27 -15.08 7.87
CA GLY B 35 -38.52 -14.52 8.39
C GLY B 35 -39.76 -15.01 7.66
N LYS B 36 -39.65 -15.19 6.34
CA LYS B 36 -40.79 -15.74 5.60
C LYS B 36 -41.12 -17.17 6.05
N HIS B 37 -40.10 -17.98 6.29
CA HIS B 37 -40.34 -19.33 6.82
C HIS B 37 -40.92 -19.29 8.23
N LEU B 38 -40.46 -18.37 9.06
CA LEU B 38 -40.98 -18.27 10.43
C LEU B 38 -42.46 -17.90 10.43
N GLN B 39 -42.84 -16.96 9.55
CA GLN B 39 -44.25 -16.58 9.47
C GLN B 39 -45.09 -17.78 9.05
N ALA B 40 -44.60 -18.54 8.06
CA ALA B 40 -45.28 -19.76 7.62
C ALA B 40 -45.39 -20.78 8.75
N TYR B 41 -44.27 -21.06 9.42
CA TYR B 41 -44.24 -21.97 10.57
C TYR B 41 -45.27 -21.57 11.63
N LEU B 42 -45.26 -20.29 12.03
CA LEU B 42 -46.15 -19.86 13.11
C LEU B 42 -47.62 -19.95 12.69
N ALA B 43 -47.91 -19.75 11.41
CA ALA B 43 -49.28 -19.93 10.96
C ALA B 43 -49.69 -21.39 10.97
N ALA B 44 -48.73 -22.28 10.69
CA ALA B 44 -49.02 -23.73 10.57
C ALA B 44 -49.15 -24.43 11.93
N ALA B 45 -48.13 -24.33 12.79
CA ALA B 45 -48.15 -25.04 14.09
C ALA B 45 -48.82 -24.22 15.18
N HIS B 46 -49.30 -24.89 16.23
CA HIS B 46 -49.91 -24.22 17.41
C HIS B 46 -48.83 -24.05 18.48
N THR B 47 -48.11 -22.93 18.40
CA THR B 47 -47.02 -22.60 19.30
C THR B 47 -47.51 -21.67 20.40
N PRO B 48 -46.69 -21.42 21.42
CA PRO B 48 -47.13 -20.45 22.43
C PRO B 48 -47.09 -18.99 21.95
N TRP B 49 -46.82 -18.71 20.67
CA TRP B 49 -46.55 -17.35 20.20
C TRP B 49 -47.57 -16.90 19.15
N ALA B 50 -48.11 -15.69 19.34
CA ALA B 50 -48.92 -15.01 18.34
C ALA B 50 -48.07 -13.93 17.67
N LEU B 51 -47.90 -14.03 16.36
CA LEU B 51 -47.07 -13.07 15.61
C LEU B 51 -47.80 -11.75 15.45
N LEU B 52 -47.20 -10.66 15.95
CA LEU B 52 -47.84 -9.36 15.84
C LEU B 52 -47.77 -8.84 14.41
N PRO B 53 -48.80 -8.12 13.97
CA PRO B 53 -48.72 -7.45 12.67
C PRO B 53 -47.69 -6.34 12.71
N VAL B 54 -47.17 -5.99 11.54
CA VAL B 54 -46.24 -4.89 11.36
C VAL B 54 -47.03 -3.75 10.73
N PRO B 55 -47.35 -2.69 11.48
CA PRO B 55 -48.36 -1.75 10.99
C PRO B 55 -47.92 -0.94 9.78
N HIS B 56 -46.61 -0.73 9.62
CA HIS B 56 -46.13 0.04 8.46
C HIS B 56 -44.68 -0.32 8.15
N ARG B 57 -44.21 0.02 6.95
CA ARG B 57 -42.82 -0.23 6.56
C ARG B 57 -41.92 0.59 7.48
N TYR B 58 -40.81 0.01 7.94
CA TYR B 58 -39.90 0.75 8.84
C TYR B 58 -38.46 0.54 8.39
N ASP B 59 -37.56 1.36 8.95
CA ASP B 59 -36.14 1.29 8.65
C ASP B 59 -35.40 1.40 9.97
N LEU B 60 -34.61 0.37 10.30
CA LEU B 60 -33.90 0.35 11.58
C LEU B 60 -32.92 1.50 11.70
N LEU B 61 -32.49 2.08 10.58
CA LEU B 61 -31.64 3.26 10.58
C LEU B 61 -32.40 4.54 10.84
N GLU B 62 -33.73 4.49 10.97
CA GLU B 62 -34.54 5.70 11.11
C GLU B 62 -35.39 5.57 12.36
N PRO B 63 -34.89 6.02 13.51
CA PRO B 63 -35.63 5.83 14.76
C PRO B 63 -37.05 6.35 14.71
N ASP B 64 -37.34 7.36 13.88
CA ASP B 64 -38.71 7.88 13.82
C ASP B 64 -39.69 6.91 13.14
N SER B 65 -39.20 5.93 12.38
CA SER B 65 -40.09 4.91 11.82
C SER B 65 -40.44 3.80 12.82
N LEU B 66 -39.80 3.77 13.99
CA LEU B 66 -39.98 2.63 14.89
C LEU B 66 -41.00 2.86 16.00
N GLY B 67 -41.31 4.12 16.32
CA GLY B 67 -42.02 4.43 17.55
C GLY B 67 -43.39 3.81 17.66
N ASP B 68 -44.17 3.85 16.58
CA ASP B 68 -45.54 3.37 16.58
C ASP B 68 -45.67 1.96 16.02
N LEU B 69 -44.60 1.18 16.09
CA LEU B 69 -44.66 -0.16 15.52
C LEU B 69 -45.47 -1.14 16.37
N TRP B 70 -45.75 -0.81 17.63
CA TRP B 70 -46.30 -1.79 18.58
C TRP B 70 -47.59 -1.29 19.24
N PRO B 71 -48.70 -1.29 18.51
CA PRO B 71 -49.96 -0.93 19.17
C PRO B 71 -50.26 -1.81 20.36
N GLU B 72 -49.95 -3.10 20.27
CA GLU B 72 -49.93 -3.99 21.42
C GLU B 72 -48.48 -4.36 21.73
N LEU B 73 -48.14 -4.25 23.01
CA LEU B 73 -46.77 -4.45 23.43
C LEU B 73 -46.34 -5.90 23.21
N PRO B 74 -45.18 -6.15 22.60
CA PRO B 74 -44.68 -7.53 22.52
C PRO B 74 -44.25 -8.05 23.87
N ASP B 75 -44.48 -9.35 24.07
CA ASP B 75 -43.85 -10.09 25.16
C ASP B 75 -42.46 -10.59 24.77
N ALA B 76 -42.24 -10.84 23.47
CA ALA B 76 -40.97 -11.34 22.97
C ALA B 76 -40.67 -10.72 21.63
N VAL B 77 -39.40 -10.63 21.30
CA VAL B 77 -38.96 -10.11 20.02
C VAL B 77 -37.90 -11.07 19.48
N ILE B 78 -37.98 -11.43 18.20
CA ILE B 78 -36.87 -12.07 17.49
C ILE B 78 -36.34 -11.08 16.47
N HIS B 79 -35.06 -10.73 16.58
CA HIS B 79 -34.44 -9.73 15.73
C HIS B 79 -33.64 -10.46 14.65
N LEU B 80 -34.25 -10.62 13.46
CA LEU B 80 -33.61 -11.18 12.29
C LEU B 80 -33.00 -10.15 11.34
N ALA B 81 -33.50 -8.91 11.36
CA ALA B 81 -33.25 -7.98 10.26
C ALA B 81 -31.82 -7.44 10.26
N GLY B 82 -31.23 -7.37 9.08
CA GLY B 82 -29.99 -6.63 8.94
C GLY B 82 -29.36 -6.84 7.58
N GLN B 83 -28.06 -6.54 7.51
CA GLN B 83 -27.25 -6.71 6.31
C GLN B 83 -26.54 -8.04 6.48
N THR B 84 -26.90 -9.04 5.66
CA THR B 84 -26.51 -10.42 5.93
C THR B 84 -25.40 -10.96 5.00
N TYR B 85 -24.90 -10.16 4.07
CA TYR B 85 -24.06 -10.64 2.97
C TYR B 85 -22.61 -10.22 3.23
N VAL B 86 -21.68 -11.17 3.24
CA VAL B 86 -20.31 -10.84 3.61
C VAL B 86 -19.65 -9.97 2.53
N PRO B 87 -19.82 -10.23 1.22
CA PRO B 87 -19.16 -9.35 0.25
C PRO B 87 -19.65 -7.91 0.34
N GLU B 88 -20.93 -7.70 0.62
CA GLU B 88 -21.43 -6.34 0.83
C GLU B 88 -20.76 -5.69 2.03
N ALA B 89 -20.55 -6.46 3.12
CA ALA B 89 -19.88 -5.88 4.29
C ALA B 89 -18.45 -5.47 3.96
N PHE B 90 -17.73 -6.29 3.20
CA PHE B 90 -16.39 -5.90 2.76
C PHE B 90 -16.44 -4.65 1.89
N ARG B 91 -17.48 -4.51 1.07
CA ARG B 91 -17.59 -3.36 0.18
C ARG B 91 -17.80 -2.06 0.96
N ASP B 92 -18.64 -2.14 2.00
CA ASP B 92 -18.96 -0.95 2.84
C ASP B 92 -19.07 -1.39 4.30
N PRO B 93 -17.95 -1.55 5.05
CA PRO B 93 -18.00 -1.97 6.45
C PRO B 93 -18.86 -1.02 7.30
N ALA B 94 -18.67 0.29 7.10
CA ALA B 94 -19.41 1.33 7.86
C ALA B 94 -20.91 1.07 7.74
N ARG B 95 -21.41 0.89 6.52
CA ARG B 95 -22.87 0.65 6.29
C ARG B 95 -23.32 -0.60 7.03
N THR B 96 -22.51 -1.68 6.98
CA THR B 96 -22.91 -2.91 7.64
C THR B 96 -22.91 -2.74 9.16
N LEU B 97 -21.96 -1.98 9.71
CA LEU B 97 -21.98 -1.71 11.14
C LEU B 97 -23.17 -0.84 11.52
N GLN B 98 -23.51 0.13 10.66
CA GLN B 98 -24.69 0.96 10.91
C GLN B 98 -25.95 0.10 10.96
N ILE B 99 -26.18 -0.73 9.94
CA ILE B 99 -27.41 -1.51 9.90
C ILE B 99 -27.43 -2.53 11.04
N ASN B 100 -26.33 -3.27 11.20
CA ASN B 100 -26.38 -4.42 12.11
C ASN B 100 -26.21 -4.01 13.57
N LEU B 101 -25.37 -3.01 13.85
CA LEU B 101 -25.16 -2.60 15.24
C LEU B 101 -26.03 -1.42 15.64
N LEU B 102 -25.96 -0.31 14.88
CA LEU B 102 -26.77 0.85 15.24
C LEU B 102 -28.24 0.61 14.94
N GLY B 103 -28.55 -0.20 13.92
CA GLY B 103 -29.94 -0.57 13.72
C GLY B 103 -30.49 -1.37 14.89
N THR B 104 -29.68 -2.26 15.45
CA THR B 104 -30.10 -2.99 16.65
C THR B 104 -30.27 -2.06 17.83
N LEU B 105 -29.33 -1.14 18.04
CA LEU B 105 -29.49 -0.16 19.11
C LEU B 105 -30.80 0.62 18.94
N ASN B 106 -31.09 1.08 17.72
CA ASN B 106 -32.31 1.87 17.50
C ASN B 106 -33.55 1.06 17.85
N LEU B 107 -33.53 -0.23 17.52
CA LEU B 107 -34.62 -1.10 17.90
C LEU B 107 -34.70 -1.25 19.41
N LEU B 108 -33.56 -1.51 20.07
CA LEU B 108 -33.57 -1.63 21.53
C LEU B 108 -34.13 -0.36 22.17
N GLN B 109 -33.70 0.80 21.70
N GLN B 109 -33.69 0.81 21.70
CA GLN B 109 -34.15 2.08 22.28
CA GLN B 109 -34.13 2.08 22.28
C GLN B 109 -35.63 2.33 22.01
C GLN B 109 -35.61 2.35 22.00
N ALA B 110 -36.10 1.94 20.83
CA ALA B 110 -37.51 2.12 20.51
C ALA B 110 -38.38 1.24 21.39
N LEU B 111 -37.99 -0.02 21.56
CA LEU B 111 -38.71 -0.93 22.45
C LEU B 111 -38.70 -0.40 23.87
N LYS B 112 -37.54 0.05 24.35
CA LYS B 112 -37.47 0.57 25.71
C LYS B 112 -38.41 1.75 25.90
N ALA B 113 -38.41 2.68 24.95
CA ALA B 113 -39.27 3.84 25.05
C ALA B 113 -40.75 3.48 24.99
N ARG B 114 -41.09 2.38 24.31
CA ARG B 114 -42.46 1.91 24.24
C ARG B 114 -42.89 1.21 25.54
N GLY B 115 -41.94 0.90 26.41
CA GLY B 115 -42.24 0.19 27.63
C GLY B 115 -41.97 -1.30 27.57
N PHE B 116 -41.35 -1.80 26.50
CA PHE B 116 -41.00 -3.23 26.40
C PHE B 116 -40.11 -3.65 27.56
N SER B 117 -40.36 -4.85 28.10
CA SER B 117 -39.38 -5.40 29.04
C SER B 117 -39.35 -6.91 28.97
N GLY B 118 -39.64 -7.48 27.82
CA GLY B 118 -39.83 -8.93 27.69
C GLY B 118 -38.57 -9.62 27.19
N THR B 119 -38.75 -10.67 26.41
CA THR B 119 -37.64 -11.46 25.90
C THR B 119 -37.16 -10.94 24.57
N PHE B 120 -35.84 -10.79 24.42
CA PHE B 120 -35.24 -10.33 23.19
C PHE B 120 -34.26 -11.40 22.73
N LEU B 121 -34.54 -12.02 21.61
CA LEU B 121 -33.66 -13.04 21.05
C LEU B 121 -32.93 -12.43 19.86
N TYR B 122 -31.62 -12.27 19.98
CA TYR B 122 -30.84 -11.72 18.89
C TYR B 122 -30.27 -12.87 18.06
N ILE B 123 -30.47 -12.81 16.74
CA ILE B 123 -29.97 -13.83 15.83
C ILE B 123 -28.59 -13.38 15.32
N SER B 124 -27.56 -14.07 15.77
CA SER B 124 -26.18 -13.80 15.35
C SER B 124 -25.79 -14.76 14.24
N SER B 125 -24.58 -15.33 14.30
CA SER B 125 -24.10 -16.22 13.23
C SER B 125 -22.96 -17.04 13.77
N GLY B 126 -22.91 -18.33 13.39
CA GLY B 126 -21.69 -19.07 13.67
C GLY B 126 -20.44 -18.51 13.00
N ASP B 127 -20.61 -17.60 12.03
CA ASP B 127 -19.45 -16.95 11.39
C ASP B 127 -18.69 -16.04 12.35
N VAL B 128 -19.23 -15.73 13.52
CA VAL B 128 -18.45 -14.95 14.48
C VAL B 128 -17.20 -15.71 14.95
N TYR B 129 -17.21 -17.04 14.89
CA TYR B 129 -16.08 -17.78 15.48
C TYR B 129 -14.79 -17.53 14.72
N GLY B 130 -14.84 -17.44 13.40
CA GLY B 130 -13.62 -17.29 12.63
C GLY B 130 -12.88 -18.62 12.49
N GLN B 131 -11.55 -18.53 12.46
CA GLN B 131 -10.70 -19.69 12.20
C GLN B 131 -10.59 -20.55 13.44
N VAL B 132 -10.91 -21.82 13.30
CA VAL B 132 -10.92 -22.76 14.42
C VAL B 132 -10.12 -23.98 13.98
N ALA B 133 -9.16 -24.40 14.80
CA ALA B 133 -8.37 -25.57 14.47
C ALA B 133 -9.25 -26.81 14.42
N GLU B 134 -8.97 -27.71 13.47
CA GLU B 134 -9.76 -28.93 13.38
C GLU B 134 -9.78 -29.69 14.70
N ALA B 135 -8.67 -29.70 15.43
CA ALA B 135 -8.64 -30.38 16.72
C ALA B 135 -9.60 -29.77 17.74
N ALA B 136 -9.99 -28.50 17.57
CA ALA B 136 -10.90 -27.85 18.50
C ALA B 136 -12.37 -28.08 18.15
N LEU B 137 -12.65 -28.72 17.02
CA LEU B 137 -14.02 -29.05 16.70
C LEU B 137 -14.53 -30.15 17.64
N PRO B 138 -15.82 -30.14 17.99
CA PRO B 138 -16.82 -29.21 17.46
C PRO B 138 -16.83 -27.87 18.19
N ILE B 139 -17.27 -26.82 17.51
CA ILE B 139 -17.22 -25.47 18.08
C ILE B 139 -18.24 -25.37 19.20
N HIS B 140 -17.76 -25.02 20.40
CA HIS B 140 -18.68 -24.77 21.50
C HIS B 140 -18.67 -23.30 21.91
N GLU B 141 -19.65 -22.92 22.73
CA GLU B 141 -19.85 -21.49 23.03
C GLU B 141 -18.77 -20.91 23.95
N GLU B 142 -17.91 -21.73 24.55
CA GLU B 142 -16.84 -21.15 25.34
C GLU B 142 -15.59 -20.87 24.52
N LEU B 143 -15.58 -21.14 23.22
CA LEU B 143 -14.46 -20.76 22.38
C LEU B 143 -14.52 -19.26 22.12
N ILE B 144 -13.38 -18.58 22.26
CA ILE B 144 -13.39 -17.14 22.04
C ILE B 144 -13.51 -16.89 20.54
N PRO B 145 -14.49 -16.12 20.09
CA PRO B 145 -14.64 -15.88 18.64
C PRO B 145 -13.60 -14.90 18.11
N HIS B 146 -13.23 -15.09 16.84
CA HIS B 146 -12.24 -14.24 16.17
C HIS B 146 -12.76 -13.90 14.79
N PRO B 147 -13.74 -13.00 14.72
CA PRO B 147 -14.37 -12.65 13.44
C PRO B 147 -13.35 -12.22 12.41
N ARG B 148 -13.55 -12.67 11.16
CA ARG B 148 -12.61 -12.42 10.09
C ARG B 148 -13.13 -11.48 9.02
N ASN B 149 -14.37 -11.00 9.13
CA ASN B 149 -14.90 -10.09 8.12
C ASN B 149 -15.83 -9.10 8.82
N PRO B 150 -16.17 -7.99 8.17
CA PRO B 150 -16.94 -6.95 8.90
C PRO B 150 -18.34 -7.39 9.25
N TYR B 151 -18.92 -8.32 8.49
CA TYR B 151 -20.23 -8.83 8.87
C TYR B 151 -20.14 -9.55 10.20
N ALA B 152 -19.16 -10.47 10.33
CA ALA B 152 -19.00 -11.20 11.57
C ALA B 152 -18.65 -10.27 12.72
N VAL B 153 -17.84 -9.24 12.47
CA VAL B 153 -17.57 -8.24 13.50
C VAL B 153 -18.88 -7.61 13.97
N SER B 154 -19.74 -7.22 13.02
CA SER B 154 -20.95 -6.48 13.36
C SER B 154 -21.91 -7.35 14.16
N LYS B 155 -21.92 -8.64 13.85
CA LYS B 155 -22.78 -9.59 14.57
C LYS B 155 -22.28 -9.78 16.00
N LEU B 156 -20.98 -10.03 16.17
CA LEU B 156 -20.43 -10.14 17.51
C LEU B 156 -20.65 -8.86 18.31
N ALA B 157 -20.50 -7.70 17.65
CA ALA B 157 -20.73 -6.44 18.35
C ALA B 157 -22.19 -6.30 18.77
N ALA B 158 -23.13 -6.66 17.89
CA ALA B 158 -24.54 -6.60 18.24
C ALA B 158 -24.89 -7.60 19.35
N GLU B 159 -24.25 -8.78 19.35
CA GLU B 159 -24.46 -9.70 20.47
C GLU B 159 -24.15 -9.02 21.80
N SER B 160 -22.98 -8.41 21.92
N SER B 160 -22.96 -8.40 21.90
CA SER B 160 -22.59 -7.83 23.20
CA SER B 160 -22.57 -7.81 23.18
C SER B 160 -23.45 -6.64 23.56
C SER B 160 -23.50 -6.67 23.55
N LEU B 161 -23.91 -5.87 22.56
CA LEU B 161 -24.87 -4.81 22.83
C LEU B 161 -26.15 -5.36 23.41
N CYS B 162 -26.72 -6.39 22.78
CA CYS B 162 -27.98 -6.94 23.27
C CYS B 162 -27.83 -7.51 24.67
N LEU B 163 -26.75 -8.28 24.90
CA LEU B 163 -26.53 -8.84 26.24
C LEU B 163 -26.30 -7.74 27.28
N GLN B 164 -25.64 -6.65 26.90
CA GLN B 164 -25.45 -5.53 27.84
C GLN B 164 -26.80 -4.92 28.21
N TRP B 165 -27.69 -4.78 27.21
CA TRP B 165 -29.03 -4.30 27.50
C TRP B 165 -29.78 -5.24 28.44
N GLY B 166 -29.58 -6.56 28.29
CA GLY B 166 -30.15 -7.48 29.26
C GLY B 166 -29.69 -7.20 30.67
N ILE B 167 -28.39 -6.91 30.82
CA ILE B 167 -27.84 -6.61 32.14
C ILE B 167 -28.40 -5.30 32.68
N THR B 168 -28.41 -4.24 31.86
CA THR B 168 -28.73 -2.92 32.40
C THR B 168 -30.24 -2.71 32.51
N GLU B 169 -31.02 -3.23 31.55
CA GLU B 169 -32.47 -3.07 31.57
C GLU B 169 -33.18 -4.22 32.27
N GLY B 170 -32.49 -5.32 32.54
CA GLY B 170 -33.15 -6.47 33.16
C GLY B 170 -34.03 -7.27 32.23
N TRP B 171 -33.99 -7.04 30.92
CA TRP B 171 -34.75 -7.88 29.99
C TRP B 171 -34.10 -9.26 29.90
N ARG B 172 -34.89 -10.23 29.45
CA ARG B 172 -34.39 -11.59 29.21
C ARG B 172 -33.82 -11.62 27.80
N VAL B 173 -32.50 -11.54 27.68
CA VAL B 173 -31.87 -11.42 26.38
C VAL B 173 -31.17 -12.74 26.07
N LEU B 174 -31.39 -13.23 24.87
CA LEU B 174 -30.87 -14.49 24.39
C LEU B 174 -30.19 -14.26 23.07
N VAL B 175 -29.10 -14.97 22.83
CA VAL B 175 -28.39 -14.91 21.56
C VAL B 175 -28.37 -16.31 20.96
N ALA B 176 -28.71 -16.43 19.68
CA ALA B 176 -28.47 -17.65 18.92
C ALA B 176 -27.37 -17.44 17.88
N ARG B 177 -26.49 -18.42 17.75
CA ARG B 177 -25.42 -18.40 16.71
C ARG B 177 -25.73 -19.53 15.73
N PRO B 178 -26.65 -19.32 14.75
CA PRO B 178 -27.00 -20.38 13.83
C PRO B 178 -25.84 -20.60 12.85
N PHE B 179 -25.67 -21.84 12.42
CA PHE B 179 -24.62 -22.13 11.41
C PHE B 179 -25.27 -22.11 10.02
N ASN B 180 -24.69 -22.84 9.08
CA ASN B 180 -25.24 -22.80 7.69
C ASN B 180 -26.72 -23.23 7.64
N HIS B 181 -27.51 -22.51 6.83
CA HIS B 181 -28.96 -22.77 6.65
C HIS B 181 -29.20 -23.35 5.25
N ILE B 182 -30.26 -24.13 5.10
CA ILE B 182 -30.67 -24.70 3.79
C ILE B 182 -32.19 -24.58 3.70
N GLY B 183 -32.71 -24.12 2.56
CA GLY B 183 -34.13 -24.08 2.36
C GLY B 183 -34.51 -23.27 1.15
N PRO B 184 -35.76 -23.45 0.71
CA PRO B 184 -36.29 -22.63 -0.38
C PRO B 184 -36.23 -21.16 -0.02
N GLY B 185 -35.82 -20.34 -0.99
CA GLY B 185 -35.71 -18.91 -0.79
C GLY B 185 -34.40 -18.44 -0.23
N GLN B 186 -33.41 -19.33 -0.09
CA GLN B 186 -32.11 -18.91 0.40
C GLN B 186 -31.45 -18.01 -0.65
N LYS B 187 -30.53 -17.16 -0.19
CA LYS B 187 -29.77 -16.30 -1.09
C LYS B 187 -29.12 -17.11 -2.21
N ASP B 188 -29.32 -16.67 -3.45
CA ASP B 188 -28.81 -17.42 -4.61
C ASP B 188 -27.30 -17.47 -4.68
N SER B 189 -26.59 -16.61 -3.97
CA SER B 189 -25.14 -16.67 -4.02
C SER B 189 -24.57 -17.80 -3.17
N PHE B 190 -25.35 -18.34 -2.24
CA PHE B 190 -24.91 -19.47 -1.44
C PHE B 190 -24.68 -20.68 -2.34
N VAL B 191 -23.62 -21.45 -2.04
CA VAL B 191 -23.17 -22.47 -2.97
C VAL B 191 -24.25 -23.53 -3.19
N ILE B 192 -24.88 -24.01 -2.11
CA ILE B 192 -25.87 -25.07 -2.26
C ILE B 192 -27.09 -24.55 -3.00
N ALA B 193 -27.54 -23.34 -2.63
CA ALA B 193 -28.68 -22.72 -3.30
C ALA B 193 -28.41 -22.53 -4.78
N SER B 194 -27.20 -22.08 -5.12
CA SER B 194 -26.84 -21.87 -6.55
C SER B 194 -26.83 -23.20 -7.28
N ALA B 195 -26.17 -24.22 -6.70
CA ALA B 195 -26.07 -25.56 -7.32
C ALA B 195 -27.48 -26.11 -7.58
N ALA B 196 -28.36 -26.07 -6.58
CA ALA B 196 -29.73 -26.59 -6.72
C ALA B 196 -30.46 -25.89 -7.88
N ARG B 197 -30.31 -24.57 -7.98
CA ARG B 197 -30.97 -23.79 -9.06
C ARG B 197 -30.45 -24.24 -10.42
N GLN B 198 -29.13 -24.33 -10.58
CA GLN B 198 -28.51 -24.72 -11.87
C GLN B 198 -28.87 -26.17 -12.22
N ILE B 199 -28.88 -27.05 -11.22
CA ILE B 199 -29.22 -28.48 -11.49
C ILE B 199 -30.69 -28.57 -11.90
N ALA B 200 -31.55 -27.75 -11.30
CA ALA B 200 -32.99 -27.73 -11.65
C ALA B 200 -33.11 -27.29 -13.12
N ARG B 201 -32.24 -26.36 -13.56
CA ARG B 201 -32.24 -25.92 -14.94
C ARG B 201 -31.71 -27.01 -15.87
N MET B 202 -30.67 -27.73 -15.43
CA MET B 202 -30.14 -28.85 -16.22
C MET B 202 -31.21 -29.92 -16.45
N LYS B 203 -31.99 -30.21 -15.41
CA LYS B 203 -33.05 -31.20 -15.55
C LYS B 203 -34.02 -30.80 -16.65
N GLN B 204 -34.36 -29.52 -16.74
CA GLN B 204 -35.25 -29.02 -17.77
C GLN B 204 -34.54 -28.71 -19.08
N GLY B 205 -33.23 -28.96 -19.16
CA GLY B 205 -32.50 -28.68 -20.37
C GLY B 205 -32.23 -27.21 -20.62
N LEU B 206 -32.28 -26.38 -19.59
CA LEU B 206 -32.11 -24.95 -19.72
C LEU B 206 -30.67 -24.50 -19.57
N GLN B 207 -29.79 -25.47 -19.34
CA GLN B 207 -28.35 -25.19 -19.12
C GLN B 207 -27.61 -26.50 -19.37
N ALA B 208 -26.39 -26.44 -19.88
CA ALA B 208 -25.60 -27.66 -20.11
C ALA B 208 -25.29 -28.33 -18.77
N ASN B 209 -25.16 -29.65 -18.75
CA ASN B 209 -24.86 -30.40 -17.49
C ASN B 209 -23.42 -30.13 -17.04
N ARG B 210 -23.05 -28.86 -16.85
CA ARG B 210 -21.71 -28.43 -16.40
C ARG B 210 -21.88 -27.39 -15.29
N LEU B 211 -21.13 -27.54 -14.19
CA LEU B 211 -21.26 -26.61 -13.04
C LEU B 211 -19.92 -25.96 -12.71
N GLU B 212 -19.86 -24.62 -12.74
CA GLU B 212 -18.62 -23.88 -12.40
C GLU B 212 -18.64 -23.64 -10.89
N VAL B 213 -17.61 -24.08 -10.19
CA VAL B 213 -17.61 -23.93 -8.70
C VAL B 213 -16.25 -23.39 -8.23
N GLY B 214 -16.23 -22.88 -6.99
CA GLY B 214 -15.04 -22.45 -6.30
C GLY B 214 -14.41 -23.59 -5.52
N ASP B 215 -14.00 -23.35 -4.27
CA ASP B 215 -13.47 -24.43 -3.44
C ASP B 215 -14.64 -25.15 -2.77
N ILE B 216 -15.01 -26.30 -3.33
CA ILE B 216 -16.08 -27.12 -2.77
C ILE B 216 -15.52 -28.29 -1.95
N ASP B 217 -14.21 -28.34 -1.75
CA ASP B 217 -13.56 -29.33 -0.92
C ASP B 217 -13.43 -28.84 0.52
N VAL B 218 -14.57 -28.40 1.04
CA VAL B 218 -14.70 -27.93 2.41
C VAL B 218 -15.96 -28.58 2.96
N SER B 219 -16.05 -28.61 4.28
CA SER B 219 -17.25 -29.12 4.95
C SER B 219 -17.81 -28.03 5.84
N ARG B 220 -19.13 -27.99 5.94
CA ARG B 220 -19.80 -27.02 6.79
C ARG B 220 -20.93 -27.74 7.53
N ASP B 221 -21.40 -27.10 8.61
CA ASP B 221 -22.49 -27.61 9.42
C ASP B 221 -23.80 -27.01 8.91
N PHE B 222 -24.68 -27.85 8.34
CA PHE B 222 -25.94 -27.39 7.75
C PHE B 222 -27.16 -27.86 8.53
N LEU B 223 -28.18 -26.99 8.59
CA LEU B 223 -29.48 -27.31 9.13
C LEU B 223 -30.54 -26.84 8.15
N ASP B 224 -31.64 -27.58 8.07
CA ASP B 224 -32.79 -27.05 7.36
C ASP B 224 -33.33 -25.84 8.12
N VAL B 225 -33.80 -24.84 7.37
CA VAL B 225 -34.32 -23.62 7.97
C VAL B 225 -35.45 -23.93 8.95
N GLN B 226 -36.21 -25.00 8.71
CA GLN B 226 -37.29 -25.34 9.64
C GLN B 226 -36.74 -25.79 11.00
N ASP B 227 -35.60 -26.48 11.01
CA ASP B 227 -35.00 -26.88 12.27
C ASP B 227 -34.42 -25.67 12.98
N VAL B 228 -33.88 -24.73 12.22
CA VAL B 228 -33.36 -23.49 12.81
C VAL B 228 -34.47 -22.75 13.51
N LEU B 229 -35.61 -22.59 12.83
CA LEU B 229 -36.74 -21.86 13.40
C LEU B 229 -37.24 -22.52 14.67
N SER B 230 -37.34 -23.85 14.64
CA SER B 230 -37.77 -24.57 15.83
C SER B 230 -36.86 -24.28 17.00
N ALA B 231 -35.54 -24.23 16.75
CA ALA B 231 -34.60 -23.93 17.81
C ALA B 231 -34.87 -22.53 18.37
N TYR B 232 -35.12 -21.56 17.49
CA TYR B 232 -35.37 -20.20 17.98
C TYR B 232 -36.62 -20.16 18.85
N LEU B 233 -37.68 -20.85 18.43
CA LEU B 233 -38.93 -20.82 19.24
C LEU B 233 -38.70 -21.51 20.59
N ARG B 234 -37.90 -22.59 20.60
CA ARG B 234 -37.61 -23.30 21.88
C ARG B 234 -36.81 -22.36 22.79
N LEU B 235 -35.86 -21.63 22.23
CA LEU B 235 -35.04 -20.68 23.02
C LEU B 235 -35.95 -19.61 23.65
N LEU B 236 -36.91 -19.07 22.89
CA LEU B 236 -37.82 -18.08 23.48
C LEU B 236 -38.48 -18.62 24.74
N SER B 237 -38.82 -19.91 24.74
CA SER B 237 -39.54 -20.48 25.87
C SER B 237 -38.63 -20.98 26.98
N HIS B 238 -37.43 -21.48 26.65
CA HIS B 238 -36.63 -22.18 27.63
C HIS B 238 -35.16 -21.80 27.66
N GLY B 239 -34.70 -20.88 26.81
CA GLY B 239 -33.32 -20.43 26.91
C GLY B 239 -33.07 -19.66 28.21
N GLU B 240 -31.82 -19.70 28.67
CA GLU B 240 -31.44 -18.97 29.89
C GLU B 240 -31.02 -17.54 29.58
N ALA B 241 -31.62 -16.60 30.32
CA ALA B 241 -31.34 -15.17 30.15
C ALA B 241 -29.85 -14.88 30.20
N GLY B 242 -29.37 -14.15 29.20
CA GLY B 242 -27.98 -13.77 29.15
C GLY B 242 -27.06 -14.77 28.47
N ALA B 243 -27.58 -15.89 27.97
CA ALA B 243 -26.72 -16.94 27.43
C ALA B 243 -26.70 -16.94 25.90
N VAL B 244 -25.61 -17.48 25.34
CA VAL B 244 -25.38 -17.65 23.90
C VAL B 244 -25.58 -19.13 23.54
N TYR B 245 -26.28 -19.40 22.44
CA TYR B 245 -26.56 -20.78 22.00
C TYR B 245 -26.17 -20.97 20.54
N ASN B 246 -25.23 -21.88 20.26
CA ASN B 246 -25.09 -22.38 18.89
C ASN B 246 -26.40 -23.03 18.45
N VAL B 247 -26.77 -22.82 17.19
CA VAL B 247 -27.90 -23.51 16.57
C VAL B 247 -27.31 -24.20 15.34
N CYS B 248 -27.08 -25.51 15.44
CA CYS B 248 -26.28 -26.22 14.44
C CYS B 248 -26.65 -27.70 14.52
N SER B 249 -26.26 -28.46 13.50
CA SER B 249 -26.61 -29.90 13.43
C SER B 249 -25.58 -30.74 14.20
N GLY B 250 -24.32 -30.29 14.23
CA GLY B 250 -23.25 -31.05 14.88
C GLY B 250 -22.66 -32.08 13.92
N GLN B 251 -23.05 -32.00 12.64
CA GLN B 251 -22.56 -32.93 11.59
C GLN B 251 -21.96 -32.07 10.47
N GLU B 252 -20.83 -32.52 9.92
CA GLU B 252 -20.16 -31.80 8.81
C GLU B 252 -20.71 -32.35 7.50
N GLN B 253 -20.86 -31.49 6.49
CA GLN B 253 -21.32 -31.93 5.16
C GLN B 253 -20.32 -31.42 4.11
N LYS B 254 -19.64 -32.32 3.41
CA LYS B 254 -18.75 -31.88 2.34
C LYS B 254 -19.57 -31.30 1.20
N ILE B 255 -19.24 -30.06 0.81
CA ILE B 255 -19.99 -29.35 -0.27
C ILE B 255 -20.06 -30.22 -1.53
N ARG B 256 -18.96 -30.90 -1.88
CA ARG B 256 -18.92 -31.77 -3.08
C ARG B 256 -20.00 -32.86 -2.96
N GLU B 257 -20.13 -33.45 -1.77
CA GLU B 257 -21.13 -34.54 -1.56
C GLU B 257 -22.55 -34.00 -1.68
N LEU B 258 -22.84 -32.81 -1.13
CA LEU B 258 -24.18 -32.26 -1.25
C LEU B 258 -24.53 -32.00 -2.71
N ILE B 259 -23.55 -31.50 -3.47
CA ILE B 259 -23.79 -31.24 -4.91
C ILE B 259 -24.09 -32.58 -5.61
N GLU B 260 -23.30 -33.62 -5.30
CA GLU B 260 -23.53 -34.97 -5.89
C GLU B 260 -24.95 -35.43 -5.54
N LEU B 261 -25.35 -35.25 -4.28
CA LEU B 261 -26.70 -35.66 -3.81
C LEU B 261 -27.78 -34.91 -4.59
N LEU B 262 -27.60 -33.60 -4.79
CA LEU B 262 -28.59 -32.84 -5.57
C LEU B 262 -28.72 -33.41 -6.98
N ALA B 263 -27.59 -33.67 -7.64
CA ALA B 263 -27.63 -34.24 -8.99
C ALA B 263 -28.27 -35.62 -8.98
N ASP B 264 -28.03 -36.39 -7.92
N ASP B 264 -28.04 -36.40 -7.91
CA ASP B 264 -28.65 -37.71 -7.81
CA ASP B 264 -28.65 -37.72 -7.80
C ASP B 264 -30.16 -37.60 -7.69
C ASP B 264 -30.15 -37.62 -7.67
N ILE B 265 -30.64 -36.70 -6.81
CA ILE B 265 -32.07 -36.48 -6.66
C ILE B 265 -32.68 -36.01 -7.98
N ALA B 266 -31.98 -35.13 -8.68
CA ALA B 266 -32.47 -34.62 -9.95
C ALA B 266 -32.31 -35.61 -11.09
N GLN B 267 -31.52 -36.67 -10.89
CA GLN B 267 -31.16 -37.62 -11.95
C GLN B 267 -30.45 -36.91 -13.11
N VAL B 268 -29.53 -36.02 -12.77
CA VAL B 268 -28.76 -35.24 -13.74
C VAL B 268 -27.33 -35.70 -13.68
N GLU B 269 -26.76 -36.02 -14.85
CA GLU B 269 -25.32 -36.40 -14.94
C GLU B 269 -24.54 -35.09 -14.96
N LEU B 270 -23.91 -34.76 -13.83
CA LEU B 270 -23.24 -33.46 -13.65
C LEU B 270 -21.73 -33.56 -13.89
N GLU B 271 -21.14 -32.46 -14.36
CA GLU B 271 -19.68 -32.30 -14.58
C GLU B 271 -19.27 -31.04 -13.82
N ILE B 272 -18.39 -31.18 -12.82
CA ILE B 272 -17.98 -30.02 -12.03
C ILE B 272 -16.67 -29.50 -12.57
N VAL B 273 -16.63 -28.20 -12.86
CA VAL B 273 -15.48 -27.53 -13.46
C VAL B 273 -14.97 -26.46 -12.50
N GLN B 274 -13.66 -26.42 -12.30
CA GLN B 274 -13.04 -25.39 -11.48
C GLN B 274 -13.02 -24.06 -12.24
N ASP B 275 -13.06 -22.97 -11.48
CA ASP B 275 -13.07 -21.64 -12.05
C ASP B 275 -11.64 -21.09 -12.23
N MET B 279 -10.43 -19.32 -7.65
CA MET B 279 -9.71 -20.62 -7.73
C MET B 279 -8.82 -20.78 -6.49
N ARG B 280 -8.96 -19.87 -5.52
CA ARG B 280 -8.16 -19.91 -4.27
C ARG B 280 -8.78 -20.93 -3.30
N ARG B 281 -7.96 -21.47 -2.39
CA ARG B 281 -8.41 -22.49 -1.40
C ARG B 281 -9.02 -21.78 -0.18
N ALA B 282 -10.11 -22.32 0.36
CA ALA B 282 -10.79 -21.73 1.53
C ALA B 282 -9.89 -21.77 2.77
N GLU B 283 -9.98 -20.73 3.60
CA GLU B 283 -9.18 -20.62 4.85
C GLU B 283 -9.63 -21.68 5.86
N GLN B 284 -10.94 -21.85 6.04
CA GLN B 284 -11.46 -22.88 7.00
C GLN B 284 -11.94 -24.09 6.19
N ARG B 285 -11.29 -25.23 6.36
CA ARG B 285 -11.62 -26.42 5.58
C ARG B 285 -12.80 -27.19 6.17
N ARG B 286 -12.92 -27.22 7.49
CA ARG B 286 -13.97 -28.00 8.15
C ARG B 286 -14.60 -27.16 9.25
N VAL B 287 -15.94 -27.20 9.31
CA VAL B 287 -16.69 -26.56 10.38
C VAL B 287 -17.72 -27.55 10.88
N ARG B 288 -17.73 -27.75 12.20
CA ARG B 288 -18.74 -28.59 12.88
C ARG B 288 -19.04 -27.89 14.22
N GLY B 289 -20.32 -27.61 14.50
CA GLY B 289 -20.66 -26.93 15.74
C GLY B 289 -21.26 -27.89 16.75
N SER B 290 -21.17 -27.55 18.03
CA SER B 290 -21.84 -28.34 19.06
C SER B 290 -23.14 -27.65 19.45
N HIS B 291 -24.25 -28.38 19.42
CA HIS B 291 -25.51 -27.86 19.93
C HIS B 291 -25.83 -28.40 21.32
N ALA B 292 -24.82 -28.92 22.02
CA ALA B 292 -25.03 -29.53 23.32
C ALA B 292 -25.77 -28.58 24.27
N ARG B 293 -25.34 -27.32 24.32
CA ARG B 293 -25.96 -26.38 25.24
C ARG B 293 -27.42 -26.13 24.87
N LEU B 294 -27.70 -25.94 23.57
CA LEU B 294 -29.08 -25.76 23.12
C LEU B 294 -29.92 -26.97 23.49
N HIS B 295 -29.41 -28.16 23.21
CA HIS B 295 -30.18 -29.37 23.46
C HIS B 295 -30.50 -29.55 24.94
N ASP B 296 -29.51 -29.34 25.82
CA ASP B 296 -29.77 -29.57 27.25
C ASP B 296 -30.75 -28.54 27.82
N ALA B 297 -30.84 -27.35 27.22
CA ALA B 297 -31.78 -26.35 27.70
C ALA B 297 -33.20 -26.54 27.16
N THR B 298 -33.35 -27.10 25.95
CA THR B 298 -34.61 -27.07 25.22
C THR B 298 -35.07 -28.44 24.71
N GLY B 299 -34.24 -29.47 24.79
CA GLY B 299 -34.54 -30.75 24.18
C GLY B 299 -34.54 -30.76 22.67
N TRP B 300 -34.24 -29.62 22.02
CA TRP B 300 -34.26 -29.55 20.57
C TRP B 300 -33.29 -30.54 19.93
N LYS B 301 -33.68 -31.08 18.78
CA LYS B 301 -32.78 -31.81 17.90
C LYS B 301 -33.21 -31.55 16.47
N PRO B 302 -32.29 -31.66 15.51
CA PRO B 302 -32.71 -31.59 14.11
C PRO B 302 -33.67 -32.73 13.79
N GLU B 303 -34.73 -32.41 13.03
CA GLU B 303 -35.69 -33.40 12.59
C GLU B 303 -35.65 -33.68 11.09
N ILE B 304 -35.02 -32.83 10.30
CA ILE B 304 -35.09 -32.95 8.84
C ILE B 304 -33.73 -33.42 8.34
N THR B 305 -33.74 -34.53 7.59
CA THR B 305 -32.46 -35.01 7.06
C THR B 305 -31.98 -34.11 5.93
N ILE B 306 -30.67 -34.18 5.69
CA ILE B 306 -30.06 -33.39 4.63
C ILE B 306 -30.67 -33.74 3.28
N LYS B 307 -31.01 -35.01 3.07
CA LYS B 307 -31.60 -35.35 1.78
C LYS B 307 -32.97 -34.74 1.62
N GLN B 308 -33.80 -34.81 2.68
CA GLN B 308 -35.11 -34.18 2.65
C GLN B 308 -35.01 -32.69 2.37
N SER B 309 -33.99 -32.02 2.95
CA SER B 309 -33.80 -30.59 2.68
C SER B 309 -33.46 -30.34 1.23
N LEU B 310 -32.58 -31.16 0.66
CA LEU B 310 -32.13 -30.95 -0.72
C LEU B 310 -33.25 -31.26 -1.69
N ARG B 311 -34.03 -32.31 -1.42
CA ARG B 311 -35.25 -32.54 -2.21
C ARG B 311 -36.13 -31.30 -2.24
N ALA B 312 -36.40 -30.72 -1.06
CA ALA B 312 -37.28 -29.57 -0.97
C ALA B 312 -36.74 -28.39 -1.76
N ILE B 313 -35.44 -28.08 -1.65
CA ILE B 313 -34.91 -26.94 -2.41
C ILE B 313 -34.92 -27.24 -3.91
N LEU B 314 -34.60 -28.48 -4.28
CA LEU B 314 -34.69 -28.87 -5.68
C LEU B 314 -36.12 -28.78 -6.19
N SER B 315 -37.07 -29.28 -5.39
CA SER B 315 -38.46 -29.30 -5.83
C SER B 315 -39.03 -27.89 -5.94
N ASP B 316 -38.61 -26.98 -5.05
CA ASP B 316 -39.01 -25.59 -5.16
C ASP B 316 -38.41 -24.93 -6.40
N TRP B 317 -37.16 -25.29 -6.72
CA TRP B 317 -36.47 -24.72 -7.91
C TRP B 317 -37.10 -25.26 -9.20
N GLU B 318 -37.69 -26.46 -9.13
CA GLU B 318 -38.36 -27.10 -10.29
C GLU B 318 -39.60 -26.28 -10.68
N SER B 319 -40.44 -25.95 -9.69
CA SER B 319 -41.66 -25.14 -9.96
C SER B 319 -41.25 -23.76 -10.44
N ARG B 320 -40.19 -23.20 -9.85
CA ARG B 320 -39.67 -21.87 -10.24
C ARG B 320 -39.44 -21.85 -11.74
N VAL B 321 -38.62 -22.78 -12.24
CA VAL B 321 -38.31 -22.86 -13.70
C VAL B 321 -39.55 -23.36 -14.45
N GLN C 23 -9.29 -5.57 -9.64
CA GLN C 23 -8.73 -4.94 -10.83
C GLN C 23 -7.97 -5.93 -11.72
N ARG C 24 -8.00 -5.70 -13.03
CA ARG C 24 -7.42 -6.60 -14.01
C ARG C 24 -5.96 -6.25 -14.23
N LEU C 25 -5.08 -7.19 -13.92
CA LEU C 25 -3.63 -7.02 -13.98
C LEU C 25 -3.08 -7.86 -15.13
N PHE C 26 -2.37 -7.21 -16.05
CA PHE C 26 -1.63 -7.92 -17.08
C PHE C 26 -0.15 -7.82 -16.76
N VAL C 27 0.55 -8.95 -16.80
CA VAL C 27 1.97 -9.01 -16.54
C VAL C 27 2.66 -9.54 -17.79
N THR C 28 3.80 -8.96 -18.16
CA THR C 28 4.64 -9.52 -19.21
C THR C 28 5.76 -10.33 -18.57
N GLY C 29 6.36 -11.22 -19.38
CA GLY C 29 7.46 -12.07 -18.91
C GLY C 29 7.00 -12.99 -17.78
N LEU C 30 5.84 -13.61 -17.92
CA LEU C 30 5.32 -14.53 -16.88
C LEU C 30 6.14 -15.82 -16.84
N SER C 31 6.72 -16.22 -17.98
CA SER C 31 7.53 -17.44 -18.00
C SER C 31 8.86 -17.27 -17.29
N GLY C 32 9.23 -16.05 -16.91
CA GLY C 32 10.53 -15.79 -16.35
C GLY C 32 10.66 -16.17 -14.87
N PHE C 33 11.81 -15.83 -14.30
CA PHE C 33 12.09 -16.19 -12.91
C PHE C 33 11.17 -15.45 -11.95
N VAL C 34 11.02 -14.13 -12.14
CA VAL C 34 10.15 -13.35 -11.25
C VAL C 34 8.68 -13.60 -11.58
N GLY C 35 8.33 -13.62 -12.87
CA GLY C 35 6.93 -13.81 -13.25
C GLY C 35 6.33 -15.11 -12.74
N LYS C 36 7.10 -16.21 -12.78
CA LYS C 36 6.61 -17.48 -12.27
C LYS C 36 6.31 -17.38 -10.78
N HIS C 37 7.17 -16.71 -10.03
CA HIS C 37 6.87 -16.48 -8.62
C HIS C 37 5.65 -15.58 -8.44
N LEU C 38 5.50 -14.57 -9.30
CA LEU C 38 4.35 -13.68 -9.20
C LEU C 38 3.05 -14.43 -9.49
N GLN C 39 3.08 -15.29 -10.51
CA GLN C 39 1.90 -16.09 -10.82
C GLN C 39 1.51 -16.98 -9.64
N ALA C 40 2.50 -17.61 -9.02
CA ALA C 40 2.26 -18.46 -7.85
C ALA C 40 1.73 -17.58 -6.70
N TYR C 41 2.40 -16.45 -6.46
CA TYR C 41 2.05 -15.51 -5.37
C TYR C 41 0.57 -15.07 -5.50
N LEU C 42 0.16 -14.67 -6.70
CA LEU C 42 -1.23 -14.18 -6.93
C LEU C 42 -2.23 -15.33 -6.76
N ALA C 43 -1.77 -16.58 -6.87
CA ALA C 43 -2.68 -17.74 -6.72
C ALA C 43 -2.86 -18.07 -5.23
N ALA C 44 -1.75 -18.34 -4.54
CA ALA C 44 -1.75 -18.72 -3.10
C ALA C 44 -2.18 -17.55 -2.21
N ALA C 45 -2.69 -16.47 -2.77
CA ALA C 45 -3.06 -15.33 -1.91
C ALA C 45 -4.35 -14.67 -2.40
N HIS C 46 -4.93 -13.83 -1.54
CA HIS C 46 -6.14 -13.05 -1.88
C HIS C 46 -5.69 -11.61 -2.06
N THR C 47 -5.75 -11.10 -3.30
CA THR C 47 -5.32 -9.71 -3.57
C THR C 47 -6.38 -9.01 -4.41
N PRO C 48 -6.35 -7.67 -4.52
CA PRO C 48 -7.31 -6.96 -5.35
C PRO C 48 -6.92 -7.07 -6.83
N TRP C 49 -5.97 -7.96 -7.16
CA TRP C 49 -5.53 -8.08 -8.54
C TRP C 49 -5.96 -9.43 -9.11
N ALA C 50 -6.67 -9.38 -10.23
CA ALA C 50 -7.01 -10.57 -11.02
C ALA C 50 -6.05 -10.69 -12.18
N LEU C 51 -5.25 -11.75 -12.20
CA LEU C 51 -4.20 -11.92 -13.20
C LEU C 51 -4.82 -12.37 -14.52
N LEU C 52 -4.74 -11.50 -15.54
CA LEU C 52 -5.33 -11.79 -16.83
C LEU C 52 -4.57 -12.91 -17.54
N PRO C 53 -5.24 -13.64 -18.43
CA PRO C 53 -4.56 -14.70 -19.17
C PRO C 53 -3.79 -14.16 -20.36
N VAL C 54 -2.86 -14.98 -20.84
CA VAL C 54 -2.08 -14.67 -22.03
C VAL C 54 -2.60 -15.54 -23.18
N PRO C 55 -3.37 -14.97 -24.11
CA PRO C 55 -4.01 -15.82 -25.13
C PRO C 55 -3.03 -16.56 -26.04
N HIS C 56 -1.88 -15.97 -26.36
CA HIS C 56 -0.93 -16.58 -27.27
C HIS C 56 0.46 -16.05 -27.00
N ARG C 57 1.47 -16.83 -27.41
CA ARG C 57 2.84 -16.37 -27.34
C ARG C 57 3.01 -15.10 -28.17
N TYR C 58 3.71 -14.12 -27.61
CA TYR C 58 3.93 -12.85 -28.28
C TYR C 58 5.41 -12.52 -28.26
N ASP C 59 5.78 -11.55 -29.09
CA ASP C 59 7.14 -11.04 -29.14
C ASP C 59 7.05 -9.53 -29.12
N LEU C 60 7.64 -8.91 -28.09
CA LEU C 60 7.65 -7.46 -27.97
C LEU C 60 8.29 -6.77 -29.17
N LEU C 61 9.14 -7.48 -29.91
CA LEU C 61 9.74 -6.91 -31.12
C LEU C 61 8.77 -6.86 -32.29
N GLU C 62 7.64 -7.56 -32.19
CA GLU C 62 6.69 -7.74 -33.29
C GLU C 62 5.33 -7.18 -32.88
N PRO C 63 5.05 -5.90 -33.19
CA PRO C 63 3.78 -5.30 -32.78
C PRO C 63 2.54 -6.08 -33.22
N ASP C 64 2.60 -6.71 -34.40
CA ASP C 64 1.48 -7.51 -34.88
C ASP C 64 1.09 -8.60 -33.89
N SER C 65 2.08 -9.13 -33.15
CA SER C 65 1.82 -10.18 -32.18
C SER C 65 1.13 -9.67 -30.92
N LEU C 66 0.94 -8.36 -30.77
CA LEU C 66 0.46 -7.78 -29.52
C LEU C 66 -1.01 -7.39 -29.53
N GLY C 67 -1.61 -7.21 -30.71
CA GLY C 67 -2.95 -6.66 -30.82
C GLY C 67 -4.01 -7.39 -30.02
N ASP C 68 -4.21 -8.68 -30.32
CA ASP C 68 -5.25 -9.49 -29.68
C ASP C 68 -4.79 -10.13 -28.38
N LEU C 69 -4.05 -9.39 -27.55
CA LEU C 69 -3.55 -9.95 -26.30
C LEU C 69 -4.48 -9.71 -25.12
N TRP C 70 -5.38 -8.72 -25.21
CA TRP C 70 -6.18 -8.26 -24.08
C TRP C 70 -7.66 -8.33 -24.42
N PRO C 71 -8.25 -9.54 -24.41
CA PRO C 71 -9.71 -9.63 -24.47
C PRO C 71 -10.37 -8.76 -23.42
N GLU C 72 -9.96 -8.92 -22.15
CA GLU C 72 -10.33 -8.02 -21.08
C GLU C 72 -9.25 -6.94 -20.94
N LEU C 73 -9.67 -5.68 -20.91
CA LEU C 73 -8.72 -4.57 -20.84
C LEU C 73 -8.06 -4.51 -19.47
N PRO C 74 -6.74 -4.42 -19.39
CA PRO C 74 -6.09 -4.36 -18.07
C PRO C 74 -6.34 -3.03 -17.39
N ASP C 75 -6.41 -3.08 -16.06
CA ASP C 75 -6.37 -1.86 -15.25
C ASP C 75 -4.95 -1.49 -14.85
N ALA C 76 -4.08 -2.48 -14.67
CA ALA C 76 -2.67 -2.26 -14.36
C ALA C 76 -1.82 -3.25 -15.15
N VAL C 77 -0.59 -2.83 -15.44
CA VAL C 77 0.38 -3.65 -16.13
C VAL C 77 1.69 -3.62 -15.34
N ILE C 78 2.27 -4.78 -15.09
CA ILE C 78 3.65 -4.87 -14.62
C ILE C 78 4.46 -5.41 -15.79
N HIS C 79 5.45 -4.63 -16.21
CA HIS C 79 6.26 -5.00 -17.37
C HIS C 79 7.59 -5.55 -16.87
N LEU C 80 7.70 -6.88 -16.81
CA LEU C 80 8.91 -7.61 -16.48
C LEU C 80 9.74 -8.04 -17.67
N ALA C 81 9.13 -8.24 -18.85
CA ALA C 81 9.80 -8.95 -19.94
C ALA C 81 10.99 -8.17 -20.53
N GLY C 82 12.03 -8.90 -20.88
CA GLY C 82 13.15 -8.28 -21.55
C GLY C 82 14.36 -9.18 -21.59
N GLN C 83 15.43 -8.64 -22.14
CA GLN C 83 16.73 -9.29 -22.14
C GLN C 83 17.43 -8.88 -20.85
N THR C 84 17.60 -9.83 -19.93
CA THR C 84 18.12 -9.51 -18.57
C THR C 84 19.54 -10.02 -18.30
N TYR C 85 20.25 -10.52 -19.32
CA TYR C 85 21.63 -11.04 -19.10
C TYR C 85 22.67 -10.01 -19.54
N VAL C 86 23.51 -9.56 -18.60
CA VAL C 86 24.56 -8.53 -18.90
C VAL C 86 25.50 -9.07 -20.00
N PRO C 87 26.05 -10.29 -19.89
CA PRO C 87 26.93 -10.83 -20.93
C PRO C 87 26.24 -10.80 -22.30
N GLU C 88 24.97 -11.20 -22.36
CA GLU C 88 24.20 -11.17 -23.63
C GLU C 88 24.13 -9.72 -24.12
N ALA C 89 23.93 -8.75 -23.22
CA ALA C 89 23.89 -7.35 -23.65
C ALA C 89 25.23 -6.88 -24.20
N PHE C 90 26.35 -7.37 -23.65
CA PHE C 90 27.65 -7.02 -24.22
C PHE C 90 27.85 -7.68 -25.58
N ARG C 91 27.35 -8.91 -25.74
CA ARG C 91 27.57 -9.62 -27.00
C ARG C 91 26.84 -8.95 -28.15
N ASP C 92 25.61 -8.46 -27.90
CA ASP C 92 24.78 -7.84 -28.93
C ASP C 92 24.01 -6.68 -28.32
N PRO C 93 24.64 -5.52 -28.17
CA PRO C 93 23.93 -4.40 -27.49
C PRO C 93 22.70 -3.93 -28.24
N ALA C 94 22.74 -3.97 -29.58
CA ALA C 94 21.61 -3.53 -30.38
C ALA C 94 20.35 -4.33 -30.04
N ARG C 95 20.47 -5.66 -29.97
CA ARG C 95 19.29 -6.48 -29.71
C ARG C 95 18.76 -6.25 -28.30
N THR C 96 19.63 -5.99 -27.33
CA THR C 96 19.15 -5.70 -25.99
C THR C 96 18.43 -4.36 -25.95
N LEU C 97 18.96 -3.36 -26.66
CA LEU C 97 18.26 -2.08 -26.76
C LEU C 97 16.94 -2.21 -27.50
N GLN C 98 16.93 -2.99 -28.59
CA GLN C 98 15.68 -3.23 -29.31
C GLN C 98 14.63 -3.87 -28.41
N ILE C 99 15.00 -4.95 -27.72
CA ILE C 99 14.06 -5.69 -26.89
C ILE C 99 13.61 -4.86 -25.69
N ASN C 100 14.55 -4.25 -24.97
CA ASN C 100 14.21 -3.61 -23.71
C ASN C 100 13.62 -2.22 -23.89
N LEU C 101 14.06 -1.46 -24.88
CA LEU C 101 13.56 -0.10 -25.07
C LEU C 101 12.48 -0.03 -26.14
N LEU C 102 12.79 -0.49 -27.35
CA LEU C 102 11.78 -0.47 -28.42
C LEU C 102 10.67 -1.46 -28.12
N GLY C 103 10.99 -2.60 -27.48
CA GLY C 103 9.96 -3.54 -27.11
C GLY C 103 9.02 -2.99 -26.05
N THR C 104 9.55 -2.17 -25.14
CA THR C 104 8.72 -1.43 -24.21
C THR C 104 7.83 -0.44 -24.95
N LEU C 105 8.39 0.25 -25.95
CA LEU C 105 7.60 1.16 -26.76
C LEU C 105 6.45 0.43 -27.44
N ASN C 106 6.73 -0.74 -28.02
CA ASN C 106 5.69 -1.49 -28.71
C ASN C 106 4.57 -1.88 -27.76
N LEU C 107 4.92 -2.39 -26.57
CA LEU C 107 3.92 -2.69 -25.55
C LEU C 107 3.09 -1.46 -25.22
N LEU C 108 3.75 -0.30 -25.04
CA LEU C 108 3.02 0.92 -24.70
C LEU C 108 2.07 1.35 -25.80
N GLN C 109 2.52 1.26 -27.06
CA GLN C 109 1.67 1.67 -28.17
C GLN C 109 0.54 0.67 -28.40
N ALA C 110 0.79 -0.60 -28.12
CA ALA C 110 -0.27 -1.60 -28.21
C ALA C 110 -1.32 -1.38 -27.13
N LEU C 111 -0.87 -1.02 -25.92
CA LEU C 111 -1.81 -0.66 -24.85
C LEU C 111 -2.61 0.58 -25.22
N LYS C 112 -1.93 1.63 -25.71
CA LYS C 112 -2.66 2.83 -26.12
C LYS C 112 -3.68 2.53 -27.21
N ALA C 113 -3.33 1.67 -28.17
CA ALA C 113 -4.27 1.31 -29.22
C ALA C 113 -5.43 0.47 -28.69
N ARG C 114 -5.23 -0.22 -27.57
CA ARG C 114 -6.27 -1.08 -27.01
C ARG C 114 -7.25 -0.32 -26.13
N GLY C 115 -6.96 0.93 -25.80
CA GLY C 115 -7.80 1.72 -24.93
C GLY C 115 -7.28 1.85 -23.51
N PHE C 116 -6.12 1.27 -23.21
CA PHE C 116 -5.56 1.32 -21.87
C PHE C 116 -5.32 2.75 -21.42
N SER C 117 -5.56 2.99 -20.13
CA SER C 117 -5.18 4.26 -19.51
C SER C 117 -4.91 4.08 -18.02
N GLY C 118 -4.64 2.86 -17.56
CA GLY C 118 -4.43 2.60 -16.16
C GLY C 118 -2.99 2.72 -15.67
N THR C 119 -2.59 1.85 -14.76
CA THR C 119 -1.30 1.94 -14.09
C THR C 119 -0.29 1.06 -14.82
N PHE C 120 0.86 1.63 -15.14
CA PHE C 120 1.94 0.91 -15.81
C PHE C 120 3.14 0.95 -14.88
N LEU C 121 3.54 -0.20 -14.38
CA LEU C 121 4.71 -0.29 -13.52
C LEU C 121 5.84 -0.90 -14.34
N TYR C 122 6.89 -0.10 -14.55
CA TYR C 122 8.04 -0.56 -15.31
C TYR C 122 9.07 -1.12 -14.33
N ILE C 123 9.49 -2.36 -14.54
CA ILE C 123 10.50 -2.96 -13.68
C ILE C 123 11.87 -2.68 -14.29
N SER C 124 12.64 -1.83 -13.63
CA SER C 124 13.98 -1.47 -14.07
C SER C 124 14.99 -2.29 -13.30
N SER C 125 16.06 -1.71 -12.74
CA SER C 125 17.08 -2.49 -12.05
C SER C 125 17.98 -1.54 -11.29
N GLY C 126 18.41 -1.98 -10.11
CA GLY C 126 19.40 -1.22 -9.35
C GLY C 126 20.72 -1.09 -10.07
N ASP C 127 20.95 -1.92 -11.10
CA ASP C 127 22.17 -1.84 -11.90
C ASP C 127 22.29 -0.54 -12.68
N VAL C 128 21.22 0.25 -12.81
CA VAL C 128 21.33 1.53 -13.50
C VAL C 128 22.29 2.48 -12.78
N TYR C 129 22.45 2.34 -11.47
CA TYR C 129 23.26 3.31 -10.73
C TYR C 129 24.73 3.22 -11.07
N GLY C 130 25.23 2.04 -11.42
CA GLY C 130 26.64 1.92 -11.71
C GLY C 130 27.49 2.09 -10.47
N GLN C 131 28.63 2.76 -10.62
CA GLN C 131 29.59 2.87 -9.54
C GLN C 131 29.19 3.99 -8.60
N VAL C 132 29.17 3.70 -7.30
CA VAL C 132 28.71 4.65 -6.28
C VAL C 132 29.73 4.66 -5.17
N ALA C 133 30.17 5.86 -4.79
CA ALA C 133 31.17 5.99 -3.73
C ALA C 133 30.61 5.43 -2.42
N GLU C 134 31.48 4.80 -1.64
CA GLU C 134 31.04 4.27 -0.35
C GLU C 134 30.45 5.36 0.53
N ALA C 135 30.93 6.59 0.38
CA ALA C 135 30.42 7.71 1.16
C ALA C 135 29.00 8.11 0.77
N ALA C 136 28.53 7.72 -0.41
CA ALA C 136 27.18 8.04 -0.82
C ALA C 136 26.18 6.93 -0.51
N LEU C 137 26.59 5.88 0.19
CA LEU C 137 25.62 4.86 0.56
C LEU C 137 24.81 5.36 1.76
N PRO C 138 23.52 4.98 1.85
CA PRO C 138 22.78 4.11 0.95
C PRO C 138 22.37 4.81 -0.34
N ILE C 139 22.23 4.03 -1.42
CA ILE C 139 21.86 4.60 -2.72
C ILE C 139 20.40 5.04 -2.68
N HIS C 140 20.17 6.33 -2.92
CA HIS C 140 18.81 6.87 -2.99
C HIS C 140 18.49 7.35 -4.40
N GLU C 141 17.19 7.56 -4.66
CA GLU C 141 16.68 7.86 -6.00
C GLU C 141 17.13 9.22 -6.54
N GLU C 142 17.72 10.09 -5.72
CA GLU C 142 18.18 11.37 -6.24
C GLU C 142 19.62 11.32 -6.74
N LEU C 143 20.28 10.17 -6.62
CA LEU C 143 21.64 10.00 -7.14
C LEU C 143 21.60 9.83 -8.65
N ILE C 144 22.46 10.56 -9.36
CA ILE C 144 22.54 10.43 -10.81
C ILE C 144 23.04 9.04 -11.18
N PRO C 145 22.31 8.27 -11.98
CA PRO C 145 22.81 6.95 -12.38
C PRO C 145 23.87 7.07 -13.48
N HIS C 146 24.81 6.13 -13.45
CA HIS C 146 25.89 6.03 -14.43
C HIS C 146 25.99 4.57 -14.87
N PRO C 147 25.10 4.13 -15.74
CA PRO C 147 25.11 2.74 -16.20
C PRO C 147 26.45 2.37 -16.84
N ARG C 148 26.92 1.17 -16.54
CA ARG C 148 28.23 0.68 -16.96
C ARG C 148 28.14 -0.49 -17.94
N ASN C 149 26.95 -0.84 -18.40
CA ASN C 149 26.84 -1.93 -19.35
C ASN C 149 25.58 -1.69 -20.17
N PRO C 150 25.45 -2.36 -21.32
CA PRO C 150 24.31 -2.04 -22.21
C PRO C 150 22.97 -2.45 -21.63
N TYR C 151 22.91 -3.50 -20.82
CA TYR C 151 21.67 -3.82 -20.13
C TYR C 151 21.21 -2.66 -19.25
N ALA C 152 22.12 -2.14 -18.42
CA ALA C 152 21.76 -1.05 -17.52
C ALA C 152 21.41 0.21 -18.29
N VAL C 153 22.09 0.47 -19.41
CA VAL C 153 21.71 1.55 -20.30
C VAL C 153 20.27 1.36 -20.79
N SER C 154 19.95 0.15 -21.24
CA SER C 154 18.62 -0.07 -21.80
C SER C 154 17.54 0.10 -20.74
N LYS C 155 17.83 -0.29 -19.49
CA LYS C 155 16.85 -0.15 -18.42
C LYS C 155 16.58 1.31 -18.12
N LEU C 156 17.65 2.12 -18.01
CA LEU C 156 17.48 3.53 -17.73
C LEU C 156 16.72 4.23 -18.85
N ALA C 157 17.06 3.90 -20.10
CA ALA C 157 16.35 4.46 -21.24
C ALA C 157 14.86 4.12 -21.19
N ALA C 158 14.55 2.86 -20.88
CA ALA C 158 13.15 2.43 -20.82
C ALA C 158 12.39 3.11 -19.68
N GLU C 159 13.05 3.32 -18.53
CA GLU C 159 12.47 4.12 -17.45
C GLU C 159 12.01 5.46 -17.95
N SER C 160 12.94 6.16 -18.62
CA SER C 160 12.69 7.51 -19.13
C SER C 160 11.54 7.51 -20.13
N LEU C 161 11.48 6.49 -21.00
CA LEU C 161 10.39 6.40 -21.97
C LEU C 161 9.05 6.28 -21.25
N CYS C 162 8.94 5.31 -20.34
CA CYS C 162 7.69 5.09 -19.61
C CYS C 162 7.25 6.34 -18.86
N LEU C 163 8.17 6.98 -18.11
CA LEU C 163 7.79 8.20 -17.40
C LEU C 163 7.32 9.26 -18.38
N GLN C 164 7.96 9.35 -19.54
CA GLN C 164 7.53 10.32 -20.54
C GLN C 164 6.13 9.98 -21.06
N TRP C 165 5.84 8.69 -21.28
CA TRP C 165 4.49 8.32 -21.69
C TRP C 165 3.47 8.75 -20.64
N GLY C 166 3.82 8.64 -19.36
CA GLY C 166 2.91 9.06 -18.32
C GLY C 166 2.64 10.55 -18.36
N ILE C 167 3.66 11.33 -18.65
CA ILE C 167 3.51 12.78 -18.81
C ILE C 167 2.65 13.09 -20.04
N THR C 168 2.90 12.38 -21.14
CA THR C 168 2.22 12.69 -22.39
C THR C 168 0.79 12.16 -22.41
N GLU C 169 0.60 10.90 -22.01
CA GLU C 169 -0.71 10.27 -22.03
C GLU C 169 -1.52 10.46 -20.75
N GLY C 170 -0.91 10.94 -19.68
CA GLY C 170 -1.62 11.04 -18.41
C GLY C 170 -1.82 9.74 -17.67
N TRP C 171 -1.18 8.65 -18.09
CA TRP C 171 -1.29 7.40 -17.35
C TRP C 171 -0.50 7.46 -16.05
N ARG C 172 -0.86 6.57 -15.12
CA ARG C 172 -0.16 6.45 -13.84
C ARG C 172 1.03 5.53 -14.03
N VAL C 173 2.21 6.11 -14.19
CA VAL C 173 3.41 5.31 -14.49
C VAL C 173 4.25 5.23 -13.23
N LEU C 174 4.72 4.02 -12.92
CA LEU C 174 5.61 3.79 -11.79
C LEU C 174 6.86 3.08 -12.28
N VAL C 175 7.99 3.41 -11.68
CA VAL C 175 9.26 2.72 -11.94
C VAL C 175 9.79 2.14 -10.65
N ALA C 176 10.08 0.85 -10.68
CA ALA C 176 10.78 0.16 -9.60
C ALA C 176 12.20 -0.15 -10.04
N ARG C 177 13.17 0.10 -9.16
CA ARG C 177 14.57 -0.31 -9.33
C ARG C 177 14.91 -1.36 -8.28
N PRO C 178 14.67 -2.64 -8.55
CA PRO C 178 15.01 -3.67 -7.57
C PRO C 178 16.49 -3.97 -7.57
N PHE C 179 17.02 -4.27 -6.38
CA PHE C 179 18.40 -4.67 -6.26
C PHE C 179 18.47 -6.20 -6.35
N ASN C 180 19.47 -6.85 -5.77
CA ASN C 180 19.67 -8.27 -6.03
C ASN C 180 18.50 -9.12 -5.50
N HIS C 181 18.08 -10.11 -6.29
CA HIS C 181 17.04 -11.07 -5.92
C HIS C 181 17.67 -12.38 -5.43
N ILE C 182 17.00 -13.03 -4.48
CA ILE C 182 17.27 -14.43 -4.14
C ILE C 182 15.97 -15.20 -4.27
N GLY C 183 16.03 -16.38 -4.90
CA GLY C 183 14.86 -17.22 -4.98
C GLY C 183 15.08 -18.46 -5.82
N PRO C 184 14.23 -19.48 -5.62
CA PRO C 184 14.27 -20.66 -6.48
C PRO C 184 14.04 -20.30 -7.93
N GLY C 185 14.79 -20.95 -8.82
CA GLY C 185 14.71 -20.65 -10.23
C GLY C 185 15.49 -19.43 -10.67
N GLN C 186 16.35 -18.91 -9.79
CA GLN C 186 17.19 -17.73 -10.14
C GLN C 186 18.26 -18.16 -11.16
N LYS C 187 18.65 -17.28 -12.07
CA LYS C 187 19.67 -17.59 -13.11
C LYS C 187 20.91 -18.21 -12.45
N ASP C 188 21.38 -19.34 -12.99
CA ASP C 188 22.53 -20.08 -12.45
C ASP C 188 23.82 -19.25 -12.48
N SER C 189 23.88 -18.26 -13.37
CA SER C 189 25.09 -17.41 -13.53
C SER C 189 25.32 -16.56 -12.26
N PHE C 190 24.29 -16.43 -11.42
CA PHE C 190 24.42 -15.64 -10.17
C PHE C 190 25.15 -16.47 -9.12
N VAL C 191 26.19 -15.85 -8.49
CA VAL C 191 27.08 -16.53 -7.50
C VAL C 191 26.26 -17.29 -6.43
N ILE C 192 25.25 -16.66 -5.84
CA ILE C 192 24.44 -17.33 -4.77
C ILE C 192 23.70 -18.53 -5.36
N ALA C 193 23.06 -18.35 -6.51
CA ALA C 193 22.30 -19.45 -7.16
C ALA C 193 23.25 -20.62 -7.45
N SER C 194 24.41 -20.32 -8.03
CA SER C 194 25.41 -21.33 -8.34
C SER C 194 25.97 -21.98 -7.08
N ALA C 195 26.19 -21.18 -6.02
CA ALA C 195 26.71 -21.74 -4.78
C ALA C 195 25.73 -22.73 -4.16
N ALA C 196 24.45 -22.34 -4.10
CA ALA C 196 23.40 -23.22 -3.53
C ALA C 196 23.33 -24.51 -4.35
N ARG C 197 23.29 -24.37 -5.68
CA ARG C 197 23.23 -25.54 -6.60
C ARG C 197 24.39 -26.49 -6.29
N GLN C 198 25.62 -25.97 -6.29
CA GLN C 198 26.83 -26.80 -6.04
C GLN C 198 26.81 -27.34 -4.61
N ILE C 199 26.46 -26.50 -3.63
CA ILE C 199 26.41 -26.98 -2.22
C ILE C 199 25.38 -28.10 -2.10
N ALA C 200 24.23 -27.94 -2.77
CA ALA C 200 23.21 -28.98 -2.74
C ALA C 200 23.72 -30.29 -3.33
N ARG C 201 24.61 -30.19 -4.32
CA ARG C 201 25.18 -31.40 -4.97
C ARG C 201 26.16 -32.07 -4.02
N MET C 202 26.97 -31.27 -3.32
CA MET C 202 27.99 -31.80 -2.36
C MET C 202 27.30 -32.58 -1.24
N LYS C 203 26.15 -32.08 -0.77
CA LYS C 203 25.38 -32.74 0.31
C LYS C 203 24.97 -34.15 -0.14
N GLN C 204 24.64 -34.32 -1.43
CA GLN C 204 24.20 -35.65 -1.95
C GLN C 204 25.42 -36.40 -2.50
N GLY C 205 26.63 -35.93 -2.17
CA GLY C 205 27.88 -36.57 -2.64
C GLY C 205 27.91 -36.68 -4.16
N LEU C 206 27.52 -35.60 -4.85
CA LEU C 206 27.51 -35.59 -6.35
C LEU C 206 28.74 -34.81 -6.83
N GLN C 207 29.41 -34.09 -5.93
CA GLN C 207 30.62 -33.29 -6.29
C GLN C 207 31.54 -33.19 -5.07
N ALA C 208 32.74 -32.64 -5.26
CA ALA C 208 33.72 -32.48 -4.16
C ALA C 208 33.33 -31.30 -3.28
N ASN C 209 33.77 -31.31 -2.01
CA ASN C 209 33.45 -30.22 -1.04
C ASN C 209 34.39 -29.04 -1.29
N ARG C 210 34.59 -28.67 -2.55
CA ARG C 210 35.48 -27.53 -2.91
C ARG C 210 34.73 -26.62 -3.90
N LEU C 211 34.42 -25.39 -3.50
CA LEU C 211 33.66 -24.44 -4.36
C LEU C 211 34.62 -23.45 -5.02
N GLU C 212 34.60 -23.38 -6.36
CA GLU C 212 35.46 -22.43 -7.12
C GLU C 212 34.72 -21.09 -7.20
N VAL C 213 35.28 -20.05 -6.55
CA VAL C 213 34.64 -18.75 -6.53
C VAL C 213 35.65 -17.69 -6.95
N GLY C 214 35.13 -16.53 -7.32
CA GLY C 214 35.94 -15.38 -7.68
C GLY C 214 36.02 -14.37 -6.56
N ASP C 215 35.46 -13.18 -6.78
CA ASP C 215 35.47 -12.14 -5.77
C ASP C 215 34.22 -12.28 -4.92
N ILE C 216 34.37 -12.80 -3.70
CA ILE C 216 33.27 -12.97 -2.78
C ILE C 216 33.38 -12.07 -1.56
N ASP C 217 34.42 -11.24 -1.49
CA ASP C 217 34.55 -10.27 -0.41
C ASP C 217 33.94 -8.93 -0.77
N VAL C 218 32.79 -8.97 -1.45
CA VAL C 218 31.99 -7.79 -1.76
C VAL C 218 30.65 -7.94 -1.06
N SER C 219 30.00 -6.80 -0.80
CA SER C 219 28.67 -6.80 -0.20
C SER C 219 27.64 -6.33 -1.22
N ARG C 220 26.45 -6.91 -1.16
CA ARG C 220 25.36 -6.55 -2.05
C ARG C 220 24.07 -6.51 -1.24
N ASP C 221 23.07 -5.83 -1.80
CA ASP C 221 21.75 -5.67 -1.18
C ASP C 221 20.81 -6.73 -1.75
N PHE C 222 20.43 -7.71 -0.93
CA PHE C 222 19.61 -8.83 -1.38
C PHE C 222 18.19 -8.77 -0.80
N LEU C 223 17.20 -9.11 -1.63
CA LEU C 223 15.83 -9.35 -1.20
C LEU C 223 15.39 -10.73 -1.66
N ASP C 224 14.57 -11.40 -0.86
CA ASP C 224 13.85 -12.56 -1.37
C ASP C 224 12.90 -12.11 -2.46
N VAL C 225 12.73 -12.97 -3.48
CA VAL C 225 11.85 -12.62 -4.59
C VAL C 225 10.42 -12.40 -4.12
N GLN C 226 10.03 -13.02 -3.00
CA GLN C 226 8.68 -12.78 -2.46
C GLN C 226 8.53 -11.36 -1.94
N ASP C 227 9.56 -10.84 -1.26
CA ASP C 227 9.53 -9.45 -0.81
C ASP C 227 9.52 -8.50 -2.00
N VAL C 228 10.23 -8.86 -3.08
CA VAL C 228 10.21 -8.04 -4.29
C VAL C 228 8.79 -7.95 -4.85
N LEU C 229 8.13 -9.09 -5.01
CA LEU C 229 6.77 -9.11 -5.54
C LEU C 229 5.82 -8.29 -4.66
N SER C 230 5.98 -8.40 -3.34
CA SER C 230 5.16 -7.61 -2.43
C SER C 230 5.35 -6.12 -2.66
N ALA C 231 6.59 -5.69 -2.90
CA ALA C 231 6.82 -4.28 -3.16
C ALA C 231 6.13 -3.84 -4.44
N TYR C 232 6.21 -4.66 -5.50
CA TYR C 232 5.53 -4.32 -6.76
C TYR C 232 4.04 -4.19 -6.55
N LEU C 233 3.44 -5.13 -5.83
CA LEU C 233 2.00 -5.04 -5.59
C LEU C 233 1.66 -3.81 -4.73
N ARG C 234 2.49 -3.49 -3.74
CA ARG C 234 2.18 -2.31 -2.94
C ARG C 234 2.30 -1.04 -3.78
N LEU C 235 3.23 -1.02 -4.74
CA LEU C 235 3.35 0.14 -5.64
C LEU C 235 2.11 0.29 -6.52
N LEU C 236 1.60 -0.82 -7.06
CA LEU C 236 0.37 -0.74 -7.86
C LEU C 236 -0.74 -0.04 -7.10
N SER C 237 -0.84 -0.30 -5.79
N SER C 237 -0.85 -0.30 -5.79
CA SER C 237 -1.94 0.30 -5.03
CA SER C 237 -1.94 0.31 -5.04
C SER C 237 -1.59 1.65 -4.44
C SER C 237 -1.59 1.70 -4.52
N HIS C 238 -0.31 1.95 -4.20
CA HIS C 238 0.05 3.16 -3.45
C HIS C 238 1.21 3.98 -4.00
N GLY C 239 1.89 3.54 -5.05
CA GLY C 239 2.93 4.37 -5.62
C GLY C 239 2.38 5.69 -6.16
N GLU C 240 3.22 6.71 -6.13
CA GLU C 240 2.87 8.03 -6.67
C GLU C 240 3.20 8.11 -8.15
N ALA C 241 2.22 8.52 -8.95
CA ALA C 241 2.38 8.57 -10.41
C ALA C 241 3.64 9.34 -10.81
N GLY C 242 4.42 8.74 -11.71
CA GLY C 242 5.62 9.38 -12.22
C GLY C 242 6.86 9.28 -11.34
N ALA C 243 6.79 8.58 -10.22
CA ALA C 243 7.92 8.43 -9.30
C ALA C 243 8.72 7.16 -9.56
N VAL C 244 10.00 7.20 -9.19
CA VAL C 244 10.95 6.09 -9.25
C VAL C 244 11.20 5.58 -7.83
N TYR C 245 11.19 4.26 -7.65
CA TYR C 245 11.33 3.67 -6.32
C TYR C 245 12.38 2.58 -6.35
N ASN C 246 13.42 2.73 -5.53
CA ASN C 246 14.24 1.58 -5.19
C ASN C 246 13.41 0.51 -4.49
N VAL C 247 13.67 -0.74 -4.83
CA VAL C 247 13.14 -1.90 -4.10
C VAL C 247 14.35 -2.68 -3.61
N CYS C 248 14.65 -2.57 -2.32
CA CYS C 248 15.88 -3.10 -1.77
C CYS C 248 15.69 -3.31 -0.27
N SER C 249 16.61 -4.09 0.32
N SER C 249 16.60 -4.10 0.31
CA SER C 249 16.54 -4.39 1.73
CA SER C 249 16.54 -4.41 1.74
C SER C 249 17.18 -3.30 2.59
C SER C 249 17.20 -3.33 2.60
N GLY C 250 18.11 -2.53 2.04
CA GLY C 250 18.87 -1.61 2.86
C GLY C 250 19.90 -2.26 3.76
N GLN C 251 20.22 -3.54 3.53
CA GLN C 251 21.18 -4.28 4.33
C GLN C 251 22.24 -4.88 3.42
N GLU C 252 23.51 -4.62 3.72
CA GLU C 252 24.60 -5.27 2.98
C GLU C 252 24.80 -6.70 3.48
N GLN C 253 24.91 -7.63 2.55
CA GLN C 253 25.35 -8.99 2.84
C GLN C 253 26.65 -9.24 2.10
N LYS C 254 27.67 -9.71 2.81
CA LYS C 254 28.92 -10.12 2.17
C LYS C 254 28.70 -11.49 1.53
N ILE C 255 29.07 -11.59 0.24
CA ILE C 255 28.83 -12.82 -0.53
C ILE C 255 29.43 -14.02 0.20
N ARG C 256 30.67 -13.88 0.70
CA ARG C 256 31.32 -15.00 1.39
C ARG C 256 30.48 -15.49 2.56
N GLU C 257 29.98 -14.56 3.38
CA GLU C 257 29.14 -14.95 4.51
C GLU C 257 27.83 -15.56 4.07
N LEU C 258 27.36 -15.25 2.86
CA LEU C 258 26.16 -15.91 2.35
C LEU C 258 26.45 -17.34 1.95
N ILE C 259 27.58 -17.57 1.27
CA ILE C 259 27.96 -18.93 0.91
C ILE C 259 28.18 -19.76 2.18
N GLU C 260 28.88 -19.19 3.15
CA GLU C 260 29.15 -19.92 4.39
C GLU C 260 27.86 -20.25 5.14
N LEU C 261 26.87 -19.35 5.07
CA LEU C 261 25.58 -19.65 5.65
C LEU C 261 24.85 -20.72 4.86
N LEU C 262 25.01 -20.72 3.54
CA LEU C 262 24.49 -21.82 2.73
C LEU C 262 25.09 -23.16 3.17
N ALA C 263 26.38 -23.16 3.52
CA ALA C 263 27.02 -24.38 3.99
C ALA C 263 26.46 -24.81 5.35
N ASP C 264 26.31 -23.86 6.28
CA ASP C 264 25.77 -24.18 7.60
C ASP C 264 24.36 -24.75 7.51
N ILE C 265 23.55 -24.24 6.59
CA ILE C 265 22.18 -24.72 6.49
C ILE C 265 22.15 -26.13 5.93
N ALA C 266 23.02 -26.41 4.97
CA ALA C 266 23.10 -27.73 4.36
C ALA C 266 23.99 -28.69 5.15
N GLN C 267 24.64 -28.20 6.21
CA GLN C 267 25.58 -28.99 7.02
C GLN C 267 26.66 -29.62 6.15
N VAL C 268 27.33 -28.76 5.39
CA VAL C 268 28.35 -29.18 4.43
C VAL C 268 29.66 -28.49 4.81
N GLU C 269 30.70 -29.28 4.98
CA GLU C 269 32.04 -28.77 5.29
C GLU C 269 32.72 -28.44 3.96
N LEU C 270 32.84 -27.16 3.65
CA LEU C 270 33.32 -26.82 2.29
C LEU C 270 34.56 -25.92 2.31
N GLU C 271 35.37 -26.04 1.24
CA GLU C 271 36.60 -25.24 1.06
C GLU C 271 36.42 -24.35 -0.17
N ILE C 272 36.72 -23.06 -0.02
CA ILE C 272 36.60 -22.07 -1.08
C ILE C 272 37.94 -21.98 -1.82
N VAL C 273 37.87 -21.93 -3.15
CA VAL C 273 39.08 -21.93 -3.99
C VAL C 273 38.99 -20.79 -4.99
N GLN C 274 40.14 -20.18 -5.29
CA GLN C 274 40.21 -19.04 -6.21
C GLN C 274 40.20 -19.51 -7.66
N GLU C 283 35.45 -3.90 -8.30
CA GLU C 283 35.28 -2.44 -8.39
C GLU C 283 34.34 -1.92 -7.30
N GLN C 284 33.05 -2.15 -7.50
CA GLN C 284 32.04 -1.82 -6.49
C GLN C 284 32.13 -2.84 -5.37
N ARG C 285 32.81 -2.46 -4.28
CA ARG C 285 32.99 -3.38 -3.17
C ARG C 285 31.73 -3.50 -2.31
N ARG C 286 30.97 -2.42 -2.15
CA ARG C 286 29.80 -2.43 -1.29
C ARG C 286 28.60 -1.80 -2.01
N VAL C 287 27.42 -2.42 -1.85
CA VAL C 287 26.17 -1.84 -2.32
C VAL C 287 25.11 -2.00 -1.23
N ARG C 288 24.47 -0.90 -0.88
CA ARG C 288 23.32 -0.88 0.00
C ARG C 288 22.39 0.20 -0.54
N GLY C 289 21.11 -0.14 -0.74
CA GLY C 289 20.15 0.80 -1.27
C GLY C 289 19.23 1.33 -0.19
N SER C 290 18.64 2.50 -0.44
CA SER C 290 17.64 3.06 0.46
C SER C 290 16.25 2.77 -0.09
N HIS C 291 15.37 2.19 0.74
CA HIS C 291 14.00 2.01 0.34
C HIS C 291 13.08 2.99 1.07
N ALA C 292 13.67 4.08 1.60
CA ALA C 292 12.89 5.07 2.34
C ALA C 292 11.70 5.57 1.53
N ARG C 293 11.91 5.85 0.24
CA ARG C 293 10.82 6.42 -0.54
C ARG C 293 9.69 5.40 -0.74
N LEU C 294 10.04 4.17 -1.07
CA LEU C 294 9.02 3.14 -1.21
C LEU C 294 8.29 2.90 0.10
N HIS C 295 9.03 2.89 1.21
CA HIS C 295 8.38 2.65 2.49
C HIS C 295 7.41 3.77 2.85
N ASP C 296 7.77 5.03 2.54
CA ASP C 296 6.87 6.11 2.94
C ASP C 296 5.61 6.13 2.09
N ALA C 297 5.68 5.66 0.84
CA ALA C 297 4.50 5.66 0.00
C ALA C 297 3.58 4.50 0.31
N THR C 298 4.15 3.35 0.71
CA THR C 298 3.43 2.08 0.65
C THR C 298 3.45 1.27 1.94
N GLY C 299 4.21 1.68 2.96
CA GLY C 299 4.39 0.88 4.15
C GLY C 299 5.24 -0.36 3.99
N TRP C 300 5.72 -0.65 2.79
CA TRP C 300 6.41 -1.90 2.55
C TRP C 300 7.69 -2.01 3.38
N LYS C 301 7.97 -3.21 3.87
CA LYS C 301 9.27 -3.54 4.44
C LYS C 301 9.55 -4.99 4.12
N PRO C 302 10.83 -5.41 4.13
CA PRO C 302 11.12 -6.83 3.94
C PRO C 302 10.55 -7.65 5.08
N GLU C 303 10.10 -8.85 4.74
CA GLU C 303 9.53 -9.78 5.71
C GLU C 303 10.28 -11.09 5.81
N ILE C 304 11.09 -11.45 4.84
CA ILE C 304 11.74 -12.76 4.81
C ILE C 304 13.20 -12.60 5.21
N THR C 305 13.61 -13.38 6.20
CA THR C 305 15.00 -13.33 6.64
C THR C 305 15.91 -13.96 5.59
N ILE C 306 17.19 -13.59 5.66
CA ILE C 306 18.15 -14.16 4.72
C ILE C 306 18.23 -15.67 4.89
N LYS C 307 18.01 -16.17 6.11
CA LYS C 307 18.12 -17.61 6.32
C LYS C 307 16.95 -18.36 5.70
N GLN C 308 15.74 -17.79 5.76
CA GLN C 308 14.60 -18.43 5.11
C GLN C 308 14.77 -18.47 3.59
N SER C 309 15.40 -17.44 3.02
CA SER C 309 15.63 -17.44 1.58
C SER C 309 16.64 -18.51 1.18
N LEU C 310 17.75 -18.60 1.92
CA LEU C 310 18.79 -19.57 1.58
C LEU C 310 18.28 -20.99 1.76
N ARG C 311 17.46 -21.22 2.81
CA ARG C 311 16.81 -22.53 2.98
C ARG C 311 15.94 -22.84 1.78
N ALA C 312 15.13 -21.88 1.34
CA ALA C 312 14.19 -22.14 0.24
C ALA C 312 14.93 -22.54 -1.04
N ILE C 313 16.05 -21.90 -1.34
CA ILE C 313 16.74 -22.24 -2.60
C ILE C 313 17.60 -23.49 -2.44
N LEU C 314 18.13 -23.73 -1.25
CA LEU C 314 18.83 -25.00 -0.99
C LEU C 314 17.88 -26.17 -1.09
N SER C 315 16.73 -26.05 -0.42
CA SER C 315 15.69 -27.10 -0.41
C SER C 315 15.15 -27.30 -1.83
N ASP C 316 15.13 -26.22 -2.62
CA ASP C 316 14.62 -26.26 -4.01
C ASP C 316 15.62 -26.98 -4.92
N TRP C 317 16.90 -26.91 -4.59
CA TRP C 317 17.98 -27.56 -5.39
C TRP C 317 18.10 -29.03 -4.98
N GLU C 318 17.50 -29.39 -3.84
CA GLU C 318 17.50 -30.79 -3.36
C GLU C 318 16.70 -31.64 -4.33
N SER C 319 15.69 -31.05 -5.00
CA SER C 319 14.89 -31.85 -5.96
C SER C 319 15.39 -31.62 -7.38
N THR D 22 48.21 19.58 -34.41
CA THR D 22 46.88 19.43 -35.00
C THR D 22 46.40 17.98 -34.91
N GLN D 23 45.12 17.80 -34.61
CA GLN D 23 44.53 16.47 -34.50
C GLN D 23 43.31 16.37 -35.40
N ARG D 24 43.02 15.14 -35.82
CA ARG D 24 42.03 14.89 -36.84
C ARG D 24 40.67 14.77 -36.18
N LEU D 25 39.72 15.59 -36.64
CA LEU D 25 38.38 15.68 -36.09
C LEU D 25 37.38 15.24 -37.13
N PHE D 26 36.53 14.26 -36.77
CA PHE D 26 35.41 13.87 -37.60
C PHE D 26 34.13 14.37 -36.97
N VAL D 27 33.25 14.94 -37.78
CA VAL D 27 32.00 15.53 -37.32
C VAL D 27 30.86 14.88 -38.10
N THR D 28 29.88 14.31 -37.39
CA THR D 28 28.64 13.89 -38.02
C THR D 28 27.66 15.07 -38.07
N GLY D 29 26.64 14.95 -38.93
CA GLY D 29 25.68 16.03 -39.09
C GLY D 29 26.26 17.29 -39.67
N LEU D 30 27.30 17.18 -40.51
CA LEU D 30 27.94 18.37 -41.07
C LEU D 30 26.98 19.17 -41.95
N SER D 31 25.98 18.52 -42.55
CA SER D 31 25.02 19.24 -43.38
C SER D 31 23.95 19.97 -42.58
N GLY D 32 23.88 19.78 -41.27
CA GLY D 32 22.86 20.40 -40.45
C GLY D 32 23.16 21.85 -40.11
N PHE D 33 22.25 22.43 -39.31
CA PHE D 33 22.35 23.83 -38.93
C PHE D 33 23.67 24.12 -38.20
N VAL D 34 23.98 23.31 -37.19
CA VAL D 34 25.19 23.54 -36.41
C VAL D 34 26.43 23.11 -37.18
N GLY D 35 26.35 21.97 -37.88
CA GLY D 35 27.52 21.46 -38.60
C GLY D 35 28.01 22.39 -39.69
N LYS D 36 27.10 23.10 -40.34
CA LYS D 36 27.51 24.11 -41.34
C LYS D 36 28.31 25.21 -40.68
N HIS D 37 27.83 25.71 -39.54
CA HIS D 37 28.56 26.76 -38.84
C HIS D 37 29.90 26.24 -38.32
N LEU D 38 29.92 25.00 -37.85
CA LEU D 38 31.17 24.40 -37.37
C LEU D 38 32.18 24.25 -38.50
N GLN D 39 31.74 23.75 -39.66
CA GLN D 39 32.62 23.67 -40.82
C GLN D 39 33.22 25.03 -41.14
N ALA D 40 32.37 26.05 -41.23
CA ALA D 40 32.86 27.39 -41.54
C ALA D 40 33.84 27.88 -40.47
N TYR D 41 33.51 27.69 -39.19
CA TYR D 41 34.40 28.12 -38.11
C TYR D 41 35.76 27.44 -38.23
N LEU D 42 35.76 26.14 -38.47
CA LEU D 42 37.02 25.39 -38.53
C LEU D 42 37.85 25.81 -39.75
N ALA D 43 37.18 26.27 -40.81
CA ALA D 43 37.90 26.68 -42.04
C ALA D 43 38.40 28.12 -41.91
N ALA D 44 37.76 28.93 -41.06
CA ALA D 44 38.12 30.35 -40.93
C ALA D 44 39.04 30.60 -39.74
N ALA D 45 39.05 29.72 -38.74
CA ALA D 45 39.87 29.97 -37.54
C ALA D 45 40.99 28.93 -37.39
N HIS D 46 42.07 29.32 -36.71
CA HIS D 46 43.17 28.41 -36.41
C HIS D 46 42.83 27.69 -35.11
N THR D 47 42.53 26.39 -35.20
CA THR D 47 42.18 25.60 -34.04
C THR D 47 43.13 24.41 -33.94
N PRO D 48 43.17 23.70 -32.81
CA PRO D 48 43.95 22.45 -32.76
C PRO D 48 43.36 21.33 -33.60
N TRP D 49 42.24 21.56 -34.30
CA TRP D 49 41.49 20.49 -34.94
C TRP D 49 41.53 20.66 -36.45
N ALA D 50 41.80 19.56 -37.16
CA ALA D 50 41.71 19.51 -38.62
C ALA D 50 40.52 18.65 -38.99
N LEU D 51 39.53 19.26 -39.63
CA LEU D 51 38.30 18.55 -39.98
C LEU D 51 38.57 17.51 -41.05
N LEU D 52 38.15 16.27 -40.80
CA LEU D 52 38.37 15.23 -41.80
C LEU D 52 37.32 15.31 -42.90
N PRO D 53 37.69 14.95 -44.13
CA PRO D 53 36.68 14.85 -45.19
C PRO D 53 35.77 13.66 -44.95
N VAL D 54 34.54 13.77 -45.46
CA VAL D 54 33.58 12.68 -45.44
C VAL D 54 33.60 12.04 -46.82
N PRO D 55 34.08 10.80 -46.97
CA PRO D 55 34.28 10.27 -48.33
C PRO D 55 33.00 10.05 -49.10
N HIS D 56 31.88 9.76 -48.44
CA HIS D 56 30.65 9.48 -49.18
C HIS D 56 29.47 9.69 -48.25
N ARG D 57 28.28 9.69 -48.86
CA ARG D 57 27.03 9.78 -48.11
C ARG D 57 26.83 8.53 -47.26
N TYR D 58 26.32 8.72 -46.06
CA TYR D 58 26.16 7.61 -45.13
C TYR D 58 24.86 7.80 -44.35
N ASP D 59 24.39 6.69 -43.79
CA ASP D 59 23.19 6.67 -42.98
C ASP D 59 23.49 5.91 -41.68
N LEU D 60 23.38 6.61 -40.54
CA LEU D 60 23.67 5.97 -39.26
C LEU D 60 22.79 4.75 -39.01
N LEU D 61 21.66 4.63 -39.70
CA LEU D 61 20.83 3.43 -39.61
C LEU D 61 21.34 2.28 -40.47
N GLU D 62 22.37 2.49 -41.29
CA GLU D 62 22.90 1.41 -42.11
C GLU D 62 24.38 1.21 -41.78
N PRO D 63 24.72 0.22 -40.96
CA PRO D 63 26.13 0.03 -40.59
C PRO D 63 27.05 -0.14 -41.79
N ASP D 64 26.57 -0.75 -42.88
CA ASP D 64 27.42 -0.97 -44.04
C ASP D 64 27.90 0.32 -44.67
N SER D 65 27.16 1.41 -44.49
CA SER D 65 27.58 2.69 -45.05
C SER D 65 28.64 3.39 -44.20
N LEU D 66 29.04 2.81 -43.07
CA LEU D 66 29.94 3.48 -42.15
C LEU D 66 31.37 2.94 -42.18
N GLY D 67 31.56 1.70 -42.63
CA GLY D 67 32.83 1.01 -42.40
C GLY D 67 34.04 1.78 -42.87
N ASP D 68 33.97 2.35 -44.08
CA ASP D 68 35.13 2.98 -44.72
C ASP D 68 35.06 4.50 -44.69
N LEU D 69 34.38 5.06 -43.68
CA LEU D 69 34.26 6.51 -43.59
C LEU D 69 35.54 7.19 -43.14
N TRP D 70 36.51 6.46 -42.59
CA TRP D 70 37.70 7.07 -41.99
C TRP D 70 38.98 6.47 -42.58
N PRO D 71 39.27 6.80 -43.84
CA PRO D 71 40.58 6.40 -44.39
C PRO D 71 41.74 6.81 -43.49
N GLU D 72 41.66 7.99 -42.89
CA GLU D 72 42.56 8.42 -41.82
C GLU D 72 41.79 8.42 -40.51
N LEU D 73 42.35 7.77 -39.50
CA LEU D 73 41.65 7.61 -38.23
C LEU D 73 41.43 8.94 -37.53
N PRO D 74 40.22 9.24 -37.07
CA PRO D 74 40.01 10.45 -36.25
C PRO D 74 40.63 10.30 -34.86
N ASP D 75 41.11 11.42 -34.35
CA ASP D 75 41.49 11.54 -32.95
C ASP D 75 40.32 11.96 -32.08
N ALA D 76 39.33 12.61 -32.67
CA ALA D 76 38.17 13.13 -31.95
C ALA D 76 36.98 13.12 -32.87
N VAL D 77 35.80 12.92 -32.27
CA VAL D 77 34.54 12.87 -33.00
C VAL D 77 33.57 13.79 -32.28
N ILE D 78 32.86 14.62 -33.04
CA ILE D 78 31.71 15.36 -32.51
C ILE D 78 30.48 14.82 -33.22
N HIS D 79 29.57 14.23 -32.46
CA HIS D 79 28.40 13.56 -33.01
C HIS D 79 27.22 14.53 -32.90
N LEU D 80 26.91 15.19 -34.02
CA LEU D 80 25.79 16.11 -34.12
C LEU D 80 24.55 15.49 -34.77
N ALA D 81 24.72 14.41 -35.54
CA ALA D 81 23.69 13.94 -36.46
C ALA D 81 22.54 13.26 -35.73
N GLY D 82 21.32 13.49 -36.20
CA GLY D 82 20.17 12.81 -35.66
C GLY D 82 18.87 13.47 -36.07
N GLN D 83 17.79 13.00 -35.44
CA GLN D 83 16.46 13.57 -35.62
C GLN D 83 16.26 14.63 -34.54
N THR D 84 16.17 15.90 -34.95
CA THR D 84 16.21 17.00 -34.00
C THR D 84 14.86 17.70 -33.77
N TYR D 85 13.82 17.19 -34.44
CA TYR D 85 12.46 17.79 -34.37
C TYR D 85 11.60 17.06 -33.32
N VAL D 86 10.99 17.82 -32.40
CA VAL D 86 10.13 17.23 -31.33
C VAL D 86 8.83 16.74 -31.96
N PRO D 87 8.12 17.56 -32.76
CA PRO D 87 6.87 17.14 -33.40
C PRO D 87 7.09 15.82 -34.17
N GLU D 88 8.18 15.75 -34.93
CA GLU D 88 8.53 14.52 -35.68
C GLU D 88 8.68 13.35 -34.70
N ALA D 89 9.27 13.58 -33.52
CA ALA D 89 9.43 12.50 -32.56
C ALA D 89 8.09 12.04 -32.01
N PHE D 90 7.19 12.98 -31.75
CA PHE D 90 5.85 12.60 -31.33
C PHE D 90 5.13 11.82 -32.42
N ARG D 91 5.29 12.22 -33.68
CA ARG D 91 4.63 11.52 -34.78
C ARG D 91 5.12 10.08 -34.90
N ASP D 92 6.43 9.86 -34.78
CA ASP D 92 6.98 8.51 -34.88
C ASP D 92 8.07 8.34 -33.82
N PRO D 93 7.68 7.95 -32.60
CA PRO D 93 8.69 7.77 -31.54
C PRO D 93 9.74 6.73 -31.89
N ALA D 94 9.32 5.58 -32.41
CA ALA D 94 10.26 4.51 -32.72
C ALA D 94 11.34 4.97 -33.69
N ARG D 95 10.97 5.73 -34.71
CA ARG D 95 11.96 6.18 -35.69
C ARG D 95 12.99 7.11 -35.08
N THR D 96 12.55 8.01 -34.19
CA THR D 96 13.49 8.92 -33.54
C THR D 96 14.44 8.16 -32.61
N LEU D 97 13.93 7.17 -31.88
CA LEU D 97 14.81 6.32 -31.07
C LEU D 97 15.80 5.56 -31.95
N GLN D 98 15.35 5.07 -33.10
CA GLN D 98 16.24 4.32 -33.97
C GLN D 98 17.37 5.20 -34.47
N ILE D 99 17.03 6.43 -34.90
CA ILE D 99 18.03 7.35 -35.42
C ILE D 99 18.96 7.81 -34.30
N ASN D 100 18.37 8.26 -33.19
CA ASN D 100 19.17 8.99 -32.21
C ASN D 100 19.92 8.05 -31.27
N LEU D 101 19.36 6.88 -30.98
CA LEU D 101 19.99 5.93 -30.06
C LEU D 101 20.69 4.80 -30.81
N LEU D 102 19.96 4.09 -31.68
CA LEU D 102 20.60 2.98 -32.36
C LEU D 102 21.58 3.49 -33.42
N GLY D 103 21.30 4.68 -33.99
CA GLY D 103 22.24 5.28 -34.92
C GLY D 103 23.54 5.67 -34.23
N THR D 104 23.44 6.19 -32.99
CA THR D 104 24.63 6.44 -32.21
C THR D 104 25.37 5.14 -31.91
N LEU D 105 24.65 4.09 -31.51
CA LEU D 105 25.31 2.80 -31.31
C LEU D 105 26.06 2.35 -32.57
N ASN D 106 25.43 2.47 -33.74
CA ASN D 106 26.09 2.05 -34.97
C ASN D 106 27.37 2.84 -35.21
N LEU D 107 27.32 4.16 -34.97
CA LEU D 107 28.51 4.98 -35.10
C LEU D 107 29.61 4.50 -34.15
N LEU D 108 29.26 4.25 -32.88
CA LEU D 108 30.24 3.78 -31.91
C LEU D 108 30.85 2.43 -32.31
N GLN D 109 30.01 1.51 -32.80
CA GLN D 109 30.54 0.22 -33.21
C GLN D 109 31.39 0.35 -34.48
N ALA D 110 31.03 1.26 -35.38
CA ALA D 110 31.83 1.44 -36.58
C ALA D 110 33.18 2.06 -36.24
N LEU D 111 33.18 3.10 -35.40
CA LEU D 111 34.42 3.66 -34.90
C LEU D 111 35.26 2.59 -34.21
N LYS D 112 34.65 1.81 -33.34
CA LYS D 112 35.40 0.77 -32.63
C LYS D 112 35.98 -0.26 -33.59
N ALA D 113 35.19 -0.69 -34.58
CA ALA D 113 35.69 -1.66 -35.55
C ALA D 113 36.87 -1.11 -36.33
N ARG D 114 36.88 0.20 -36.58
CA ARG D 114 37.96 0.84 -37.32
C ARG D 114 39.23 1.01 -36.49
N GLY D 115 39.12 0.89 -35.17
CA GLY D 115 40.25 1.10 -34.28
C GLY D 115 40.27 2.42 -33.56
N PHE D 116 39.16 3.18 -33.58
CA PHE D 116 39.09 4.44 -32.85
C PHE D 116 39.23 4.19 -31.35
N SER D 117 39.90 5.14 -30.68
CA SER D 117 39.99 5.11 -29.23
C SER D 117 40.23 6.50 -28.67
N GLY D 118 39.81 7.53 -29.39
CA GLY D 118 40.05 8.93 -29.03
C GLY D 118 38.89 9.56 -28.28
N THR D 119 38.71 10.86 -28.51
CA THR D 119 37.72 11.64 -27.79
C THR D 119 36.40 11.63 -28.55
N PHE D 120 35.30 11.29 -27.87
CA PHE D 120 33.97 11.29 -28.48
C PHE D 120 33.11 12.28 -27.71
N LEU D 121 32.67 13.34 -28.39
CA LEU D 121 31.79 14.35 -27.81
C LEU D 121 30.38 14.12 -28.33
N TYR D 122 29.50 13.70 -27.42
CA TYR D 122 28.08 13.49 -27.79
C TYR D 122 27.33 14.81 -27.55
N ILE D 123 26.61 15.27 -28.58
CA ILE D 123 25.86 16.51 -28.46
C ILE D 123 24.44 16.13 -28.07
N SER D 124 24.04 16.52 -26.86
CA SER D 124 22.71 16.20 -26.36
C SER D 124 21.84 17.46 -26.45
N SER D 125 21.05 17.72 -25.41
CA SER D 125 20.14 18.85 -25.45
C SER D 125 19.71 19.20 -24.03
N GLY D 126 19.69 20.50 -23.73
CA GLY D 126 19.14 20.94 -22.47
C GLY D 126 17.68 20.57 -22.28
N ASP D 127 17.00 20.11 -23.33
CA ASP D 127 15.62 19.65 -23.24
C ASP D 127 15.49 18.33 -22.47
N VAL D 128 16.59 17.63 -22.18
CA VAL D 128 16.50 16.42 -21.36
C VAL D 128 15.99 16.73 -19.95
N TYR D 129 16.17 17.96 -19.48
CA TYR D 129 15.88 18.25 -18.07
C TYR D 129 14.38 18.21 -17.80
N GLY D 130 13.56 18.66 -18.74
CA GLY D 130 12.12 18.68 -18.52
C GLY D 130 11.73 19.75 -17.52
N GLN D 131 10.77 19.41 -16.66
CA GLN D 131 10.16 20.40 -15.78
C GLN D 131 11.05 20.65 -14.58
N VAL D 132 11.38 21.92 -14.36
CA VAL D 132 12.28 22.33 -13.29
C VAL D 132 11.60 23.47 -12.54
N ALA D 133 11.51 23.36 -11.22
CA ALA D 133 10.89 24.41 -10.44
C ALA D 133 11.72 25.69 -10.49
N GLU D 134 11.04 26.83 -10.51
CA GLU D 134 11.71 28.15 -10.58
C GLU D 134 12.69 28.29 -9.41
N ALA D 135 12.44 27.60 -8.30
CA ALA D 135 13.28 27.65 -7.08
C ALA D 135 14.59 26.90 -7.29
N ALA D 136 14.64 26.02 -8.30
CA ALA D 136 15.83 25.20 -8.61
C ALA D 136 16.67 25.82 -9.75
N LEU D 137 16.31 27.02 -10.23
CA LEU D 137 17.10 27.66 -11.32
C LEU D 137 18.32 28.34 -10.70
N PRO D 138 19.48 28.42 -11.39
CA PRO D 138 19.63 27.91 -12.76
C PRO D 138 19.86 26.39 -12.80
N ILE D 139 19.48 25.76 -13.91
CA ILE D 139 19.62 24.27 -14.06
C ILE D 139 21.11 23.90 -14.11
N HIS D 140 21.51 23.00 -13.21
CA HIS D 140 22.87 22.48 -13.19
C HIS D 140 22.87 20.99 -13.47
N GLU D 141 24.07 20.45 -13.68
CA GLU D 141 24.22 19.09 -14.17
C GLU D 141 23.95 18.03 -13.11
N GLU D 142 23.77 18.41 -11.84
CA GLU D 142 23.43 17.44 -10.80
C GLU D 142 21.93 17.21 -10.67
N LEU D 143 21.09 18.00 -11.34
CA LEU D 143 19.65 17.78 -11.30
C LEU D 143 19.25 16.57 -12.14
N ILE D 144 18.39 15.72 -11.58
CA ILE D 144 17.91 14.55 -12.34
C ILE D 144 17.11 15.03 -13.54
N PRO D 145 17.39 14.56 -14.75
CA PRO D 145 16.56 14.94 -15.89
C PRO D 145 15.26 14.16 -15.91
N HIS D 146 14.19 14.81 -16.38
CA HIS D 146 12.87 14.19 -16.50
C HIS D 146 12.31 14.52 -17.88
N PRO D 147 12.77 13.83 -18.91
CA PRO D 147 12.38 14.19 -20.29
C PRO D 147 10.87 14.05 -20.50
N ARG D 148 10.32 14.94 -21.32
CA ARG D 148 8.88 15.07 -21.47
C ARG D 148 8.39 14.85 -22.89
N ASN D 149 9.27 14.53 -23.83
CA ASN D 149 8.90 14.18 -25.19
C ASN D 149 9.86 13.10 -25.68
N PRO D 150 9.49 12.36 -26.72
CA PRO D 150 10.35 11.25 -27.15
C PRO D 150 11.68 11.69 -27.70
N TYR D 151 11.80 12.92 -28.19
CA TYR D 151 13.12 13.40 -28.62
C TYR D 151 14.05 13.55 -27.42
N ALA D 152 13.56 14.19 -26.36
CA ALA D 152 14.37 14.35 -25.16
C ALA D 152 14.68 12.99 -24.52
N VAL D 153 13.76 12.03 -24.61
CA VAL D 153 14.05 10.67 -24.15
C VAL D 153 15.24 10.10 -24.93
N SER D 154 15.22 10.26 -26.25
CA SER D 154 16.27 9.61 -27.07
C SER D 154 17.62 10.26 -26.83
N LYS D 155 17.65 11.55 -26.49
CA LYS D 155 18.91 12.22 -26.22
C LYS D 155 19.49 11.78 -24.88
N LEU D 156 18.64 11.64 -23.86
CA LEU D 156 19.12 11.15 -22.58
C LEU D 156 19.60 9.71 -22.69
N ALA D 157 18.91 8.88 -23.48
CA ALA D 157 19.35 7.49 -23.64
C ALA D 157 20.69 7.42 -24.34
N ALA D 158 20.90 8.27 -25.36
CA ALA D 158 22.14 8.23 -26.12
C ALA D 158 23.30 8.76 -25.29
N GLU D 159 23.02 9.77 -24.45
CA GLU D 159 23.99 10.23 -23.46
C GLU D 159 24.53 9.06 -22.65
N SER D 160 23.62 8.30 -22.02
CA SER D 160 24.06 7.21 -21.15
C SER D 160 24.73 6.10 -21.96
N LEU D 161 24.30 5.88 -23.20
CA LEU D 161 25.01 4.91 -24.05
C LEU D 161 26.45 5.34 -24.29
N CYS D 162 26.67 6.61 -24.64
CA CYS D 162 28.01 7.08 -24.95
C CYS D 162 28.91 7.04 -23.71
N LEU D 163 28.39 7.52 -22.57
CA LEU D 163 29.16 7.44 -21.33
C LEU D 163 29.46 5.99 -20.98
N GLN D 164 28.54 5.08 -21.27
CA GLN D 164 28.80 3.66 -21.01
C GLN D 164 29.95 3.14 -21.88
N TRP D 165 29.98 3.53 -23.15
CA TRP D 165 31.10 3.17 -24.01
C TRP D 165 32.41 3.72 -23.47
N GLY D 166 32.39 4.96 -22.96
CA GLY D 166 33.57 5.51 -22.34
C GLY D 166 34.07 4.66 -21.19
N ILE D 167 33.14 4.17 -20.37
CA ILE D 167 33.51 3.27 -19.28
C ILE D 167 34.02 1.95 -19.80
N THR D 168 33.30 1.35 -20.75
CA THR D 168 33.63 0.00 -21.21
C THR D 168 34.89 -0.02 -22.09
N GLU D 169 35.00 0.95 -23.01
CA GLU D 169 36.08 0.95 -24.00
C GLU D 169 37.26 1.83 -23.64
N GLY D 170 37.13 2.69 -22.63
CA GLY D 170 38.25 3.51 -22.24
C GLY D 170 38.40 4.79 -23.04
N TRP D 171 37.47 5.09 -23.96
CA TRP D 171 37.54 6.34 -24.70
C TRP D 171 37.21 7.52 -23.80
N ARG D 172 37.71 8.70 -24.19
CA ARG D 172 37.35 9.97 -23.55
C ARG D 172 36.00 10.42 -24.09
N VAL D 173 34.93 10.18 -23.35
CA VAL D 173 33.58 10.56 -23.79
C VAL D 173 33.12 11.75 -22.98
N LEU D 174 32.67 12.79 -23.68
CA LEU D 174 32.10 13.98 -23.09
C LEU D 174 30.67 14.11 -23.59
N VAL D 175 29.83 14.78 -22.81
CA VAL D 175 28.47 15.10 -23.22
C VAL D 175 28.29 16.60 -23.07
N ALA D 176 27.75 17.24 -24.10
CA ALA D 176 27.29 18.62 -23.99
C ALA D 176 25.77 18.63 -24.07
N ARG D 177 25.16 19.43 -23.18
CA ARG D 177 23.72 19.69 -23.15
C ARG D 177 23.52 21.16 -23.50
N PRO D 178 23.42 21.49 -24.79
CA PRO D 178 23.21 22.89 -25.15
C PRO D 178 21.75 23.26 -24.97
N PHE D 179 21.52 24.50 -24.54
CA PHE D 179 20.17 25.04 -24.46
C PHE D 179 19.83 25.68 -25.81
N ASN D 180 18.97 26.70 -25.84
CA ASN D 180 18.48 27.16 -27.13
C ASN D 180 19.56 27.87 -27.94
N HIS D 181 19.58 27.60 -29.24
CA HIS D 181 20.49 28.17 -30.23
C HIS D 181 19.82 29.33 -30.97
N ILE D 182 20.65 30.20 -31.51
CA ILE D 182 20.22 31.27 -32.41
C ILE D 182 21.29 31.43 -33.48
N GLY D 183 20.89 31.39 -34.75
CA GLY D 183 21.84 31.64 -35.81
C GLY D 183 21.22 31.54 -37.20
N PRO D 184 21.85 32.18 -38.18
CA PRO D 184 21.44 32.00 -39.58
C PRO D 184 21.44 30.52 -39.94
N GLY D 185 20.41 30.09 -40.66
CA GLY D 185 20.23 28.71 -41.00
C GLY D 185 19.46 27.89 -39.99
N GLN D 186 18.99 28.49 -38.91
CA GLN D 186 18.23 27.75 -37.91
C GLN D 186 16.93 27.23 -38.52
N LYS D 187 16.47 26.09 -37.99
CA LYS D 187 15.18 25.53 -38.40
C LYS D 187 14.10 26.59 -38.33
N ASP D 188 13.47 26.85 -39.48
CA ASP D 188 12.45 27.88 -39.58
C ASP D 188 11.34 27.72 -38.55
N SER D 189 11.11 26.50 -38.06
CA SER D 189 10.05 26.22 -37.10
C SER D 189 10.35 26.69 -35.69
N PHE D 190 11.54 27.22 -35.44
CA PHE D 190 11.88 27.69 -34.10
C PHE D 190 11.39 29.13 -33.91
N VAL D 191 10.94 29.43 -32.70
CA VAL D 191 10.17 30.65 -32.44
C VAL D 191 10.89 31.89 -32.96
N ILE D 192 12.16 32.04 -32.59
CA ILE D 192 12.89 33.25 -32.97
C ILE D 192 13.17 33.25 -34.47
N ALA D 193 13.53 32.10 -35.02
CA ALA D 193 13.77 32.01 -36.47
C ALA D 193 12.50 32.38 -37.24
N SER D 194 11.35 31.86 -36.82
CA SER D 194 10.10 32.16 -37.51
C SER D 194 9.73 33.64 -37.37
N ALA D 195 9.82 34.17 -36.15
CA ALA D 195 9.51 35.58 -35.94
C ALA D 195 10.41 36.45 -36.81
N ALA D 196 11.66 36.05 -37.00
CA ALA D 196 12.56 36.84 -37.82
C ALA D 196 12.26 36.69 -39.30
N ARG D 197 11.74 35.53 -39.70
CA ARG D 197 11.38 35.27 -41.11
C ARG D 197 10.24 36.23 -41.51
N GLN D 198 9.23 36.35 -40.64
CA GLN D 198 8.04 37.19 -40.90
C GLN D 198 8.40 38.67 -40.83
N ILE D 199 9.13 39.09 -39.78
CA ILE D 199 9.53 40.51 -39.61
C ILE D 199 10.24 40.99 -40.89
N ALA D 200 11.21 40.21 -41.37
CA ALA D 200 11.94 40.57 -42.61
C ALA D 200 10.93 40.69 -43.76
N ARG D 201 10.08 39.67 -43.94
CA ARG D 201 9.07 39.67 -45.01
C ARG D 201 8.25 40.96 -44.95
N MET D 202 7.77 41.33 -43.76
CA MET D 202 6.97 42.56 -43.58
C MET D 202 7.74 43.75 -44.17
N LYS D 203 9.02 43.90 -43.79
CA LYS D 203 9.82 45.04 -44.29
C LYS D 203 9.95 44.98 -45.82
N GLN D 204 9.83 43.77 -46.39
CA GLN D 204 9.92 43.56 -47.86
C GLN D 204 8.53 43.73 -48.49
N GLY D 205 7.51 43.94 -47.67
CA GLY D 205 6.12 44.13 -48.17
C GLY D 205 5.54 42.84 -48.71
N LEU D 206 6.00 41.69 -48.22
CA LEU D 206 5.49 40.38 -48.69
C LEU D 206 4.52 39.82 -47.63
N GLN D 207 4.16 40.64 -46.65
CA GLN D 207 3.22 40.25 -45.56
C GLN D 207 2.79 41.51 -44.80
N ALA D 208 1.72 41.40 -44.00
CA ALA D 208 1.19 42.54 -43.20
C ALA D 208 1.95 42.63 -41.88
N ASN D 209 1.68 43.68 -41.09
CA ASN D 209 2.38 43.92 -39.80
C ASN D 209 1.66 43.14 -38.69
N ARG D 210 1.30 41.89 -38.96
CA ARG D 210 0.61 41.02 -37.98
C ARG D 210 1.41 39.72 -37.85
N LEU D 211 2.08 39.51 -36.72
CA LEU D 211 2.91 38.29 -36.52
C LEU D 211 2.11 37.22 -35.78
N GLU D 212 2.10 36.00 -36.33
CA GLU D 212 1.41 34.85 -35.69
C GLU D 212 2.42 34.16 -34.79
N VAL D 213 2.07 33.99 -33.51
CA VAL D 213 3.02 33.39 -32.51
C VAL D 213 2.23 32.44 -31.59
N GLY D 214 2.96 31.67 -30.79
CA GLY D 214 2.36 30.73 -29.82
C GLY D 214 2.52 31.27 -28.41
N ASP D 215 2.95 30.43 -27.47
CA ASP D 215 3.16 30.87 -26.06
C ASP D 215 4.49 31.63 -25.96
N ILE D 216 4.46 32.95 -26.19
CA ILE D 216 5.69 33.74 -26.16
C ILE D 216 5.93 34.37 -24.80
N ASP D 217 5.02 34.20 -23.85
CA ASP D 217 5.21 34.74 -22.50
C ASP D 217 5.97 33.75 -21.61
N VAL D 218 7.08 33.24 -22.14
CA VAL D 218 8.01 32.39 -21.42
C VAL D 218 9.42 32.89 -21.72
N SER D 219 10.35 32.58 -20.82
CA SER D 219 11.75 32.94 -21.01
C SER D 219 12.57 31.69 -21.18
N ARG D 220 13.64 31.81 -21.99
CA ARG D 220 14.49 30.66 -22.30
C ARG D 220 15.94 31.11 -22.33
N ASP D 221 16.84 30.13 -22.35
CA ASP D 221 18.27 30.37 -22.30
C ASP D 221 18.81 30.26 -23.73
N PHE D 222 19.22 31.40 -24.29
CA PHE D 222 19.65 31.46 -25.69
C PHE D 222 21.14 31.73 -25.80
N LEU D 223 21.79 31.04 -26.74
CA LEU D 223 23.17 31.29 -27.12
C LEU D 223 23.26 31.46 -28.62
N ASP D 224 24.12 32.36 -29.08
CA ASP D 224 24.46 32.39 -30.49
C ASP D 224 25.15 31.09 -30.87
N VAL D 225 24.83 30.57 -32.06
CA VAL D 225 25.39 29.30 -32.52
C VAL D 225 26.92 29.33 -32.57
N GLN D 226 27.51 30.52 -32.75
CA GLN D 226 28.97 30.62 -32.71
C GLN D 226 29.50 30.34 -31.32
N ASP D 227 28.84 30.87 -30.28
CA ASP D 227 29.24 30.62 -28.89
C ASP D 227 29.07 29.15 -28.51
N VAL D 228 28.05 28.47 -29.07
CA VAL D 228 27.89 27.05 -28.83
C VAL D 228 29.06 26.27 -29.43
N LEU D 229 29.43 26.60 -30.67
CA LEU D 229 30.55 25.93 -31.34
C LEU D 229 31.85 26.08 -30.58
N SER D 230 32.14 27.30 -30.12
CA SER D 230 33.33 27.54 -29.32
C SER D 230 33.34 26.64 -28.09
N ALA D 231 32.20 26.53 -27.40
CA ALA D 231 32.11 25.68 -26.23
C ALA D 231 32.44 24.24 -26.57
N TYR D 232 31.91 23.74 -27.70
CA TYR D 232 32.18 22.36 -28.09
C TYR D 232 33.67 22.12 -28.34
N LEU D 233 34.30 23.06 -29.04
CA LEU D 233 35.72 22.88 -29.35
C LEU D 233 36.57 22.92 -28.09
N ARG D 234 36.21 23.80 -27.14
CA ARG D 234 36.93 23.85 -25.87
C ARG D 234 36.76 22.55 -25.09
N LEU D 235 35.57 21.95 -25.15
CA LEU D 235 35.37 20.67 -24.47
C LEU D 235 36.24 19.58 -25.08
N LEU D 236 36.37 19.59 -26.41
CA LEU D 236 37.28 18.64 -27.07
C LEU D 236 38.67 18.70 -26.45
N SER D 237 39.15 19.90 -26.13
CA SER D 237 40.52 20.05 -25.64
C SER D 237 40.62 19.99 -24.13
N HIS D 238 39.57 20.37 -23.40
CA HIS D 238 39.72 20.50 -21.95
C HIS D 238 38.59 19.91 -21.13
N GLY D 239 37.62 19.24 -21.75
CA GLY D 239 36.59 18.56 -20.97
C GLY D 239 37.16 17.37 -20.21
N GLU D 240 36.52 17.05 -19.09
CA GLU D 240 36.92 15.89 -18.29
C GLU D 240 36.17 14.66 -18.74
N ALA D 241 36.90 13.56 -18.98
CA ALA D 241 36.31 12.32 -19.49
C ALA D 241 35.14 11.86 -18.62
N GLY D 242 34.07 11.41 -19.28
CA GLY D 242 32.87 10.93 -18.60
C GLY D 242 31.99 12.01 -17.99
N ALA D 243 32.25 13.29 -18.24
CA ALA D 243 31.44 14.34 -17.62
C ALA D 243 30.40 14.92 -18.60
N VAL D 244 29.32 15.47 -18.02
CA VAL D 244 28.26 16.17 -18.73
C VAL D 244 28.41 17.67 -18.53
N TYR D 245 28.22 18.44 -19.59
CA TYR D 245 28.34 19.90 -19.51
C TYR D 245 27.13 20.57 -20.14
N ASN D 246 26.43 21.41 -19.37
CA ASN D 246 25.54 22.39 -19.95
C ASN D 246 26.33 23.36 -20.84
N VAL D 247 25.77 23.67 -21.99
CA VAL D 247 26.25 24.76 -22.82
C VAL D 247 25.10 25.76 -22.91
N CYS D 248 25.23 26.89 -22.21
CA CYS D 248 24.11 27.81 -22.10
C CYS D 248 24.65 29.18 -21.71
N SER D 249 23.78 30.19 -21.84
CA SER D 249 24.20 31.56 -21.55
C SER D 249 24.14 31.89 -20.07
N GLY D 250 23.20 31.30 -19.34
CA GLY D 250 22.98 31.71 -17.96
C GLY D 250 22.09 32.93 -17.79
N GLN D 251 21.50 33.44 -18.87
CA GLN D 251 20.61 34.59 -18.81
C GLN D 251 19.27 34.21 -19.44
N GLU D 252 18.18 34.55 -18.76
CA GLU D 252 16.85 34.37 -19.31
C GLU D 252 16.50 35.49 -20.28
N GLN D 253 15.87 35.13 -21.39
CA GLN D 253 15.36 36.09 -22.35
C GLN D 253 13.87 35.82 -22.53
N LYS D 254 13.04 36.83 -22.24
CA LYS D 254 11.61 36.68 -22.51
C LYS D 254 11.38 36.78 -24.00
N ILE D 255 10.64 35.82 -24.56
CA ILE D 255 10.48 35.73 -26.02
C ILE D 255 9.84 37.01 -26.56
N ARG D 256 8.83 37.54 -25.86
CA ARG D 256 8.18 38.76 -26.33
C ARG D 256 9.16 39.89 -26.48
N GLU D 257 10.11 40.01 -25.54
CA GLU D 257 11.12 41.06 -25.65
C GLU D 257 12.06 40.80 -26.81
N LEU D 258 12.31 39.51 -27.10
CA LEU D 258 13.22 39.17 -28.23
C LEU D 258 12.55 39.60 -29.53
N ILE D 259 11.22 39.40 -29.62
CA ILE D 259 10.44 39.77 -30.84
C ILE D 259 10.41 41.29 -30.96
N GLU D 260 10.20 42.00 -29.84
CA GLU D 260 10.17 43.49 -29.86
C GLU D 260 11.51 44.02 -30.34
N LEU D 261 12.61 43.40 -29.89
CA LEU D 261 13.97 43.83 -30.30
C LEU D 261 14.13 43.62 -31.81
N LEU D 262 13.59 42.52 -32.33
CA LEU D 262 13.68 42.23 -33.80
C LEU D 262 12.94 43.33 -34.55
N ALA D 263 11.79 43.75 -34.04
CA ALA D 263 10.98 44.81 -34.68
C ALA D 263 11.74 46.13 -34.62
N ASP D 264 12.39 46.41 -33.48
CA ASP D 264 13.15 47.67 -33.27
C ASP D 264 14.36 47.73 -34.21
N ILE D 265 15.02 46.58 -34.44
CA ILE D 265 16.22 46.53 -35.34
C ILE D 265 15.78 46.71 -36.79
N ALA D 266 14.61 46.17 -37.15
CA ALA D 266 14.11 46.26 -38.54
C ALA D 266 13.27 47.53 -38.73
N GLN D 267 13.13 48.33 -37.66
CA GLN D 267 12.31 49.58 -37.71
C GLN D 267 10.94 49.24 -38.28
N VAL D 268 10.22 48.36 -37.58
CA VAL D 268 8.86 47.93 -38.04
C VAL D 268 7.90 47.95 -36.84
N GLU D 269 6.72 48.55 -37.03
CA GLU D 269 5.67 48.56 -35.98
C GLU D 269 4.66 47.50 -36.41
N LEU D 270 4.57 46.40 -35.65
CA LEU D 270 3.65 45.29 -36.03
C LEU D 270 2.72 44.93 -34.87
N GLU D 271 1.74 44.07 -35.17
CA GLU D 271 0.74 43.60 -34.17
C GLU D 271 0.98 42.11 -33.94
N ILE D 272 1.11 41.71 -32.68
CA ILE D 272 1.35 40.28 -32.35
C ILE D 272 0.01 39.55 -32.26
N VAL D 273 -0.15 38.48 -33.05
CA VAL D 273 -1.40 37.66 -33.06
C VAL D 273 -1.03 36.27 -32.55
N GLN D 274 -1.75 35.79 -31.54
CA GLN D 274 -1.46 34.45 -30.94
C GLN D 274 -2.27 33.36 -31.66
N ASP D 275 -1.58 32.46 -32.35
CA ASP D 275 -2.26 31.32 -33.06
C ASP D 275 -2.39 30.16 -32.08
N PRO D 276 -3.62 29.77 -31.67
CA PRO D 276 -3.81 28.68 -30.70
C PRO D 276 -3.03 27.41 -31.06
N GLN D 284 6.51 24.84 -18.15
CA GLN D 284 7.86 25.44 -17.99
C GLN D 284 7.81 26.89 -18.47
N ARG D 285 7.61 27.83 -17.56
CA ARG D 285 7.51 29.27 -17.91
C ARG D 285 8.91 29.90 -18.00
N ARG D 286 9.86 29.45 -17.18
CA ARG D 286 11.22 30.06 -17.18
C ARG D 286 12.30 28.97 -17.19
N VAL D 287 13.28 29.12 -18.18
CA VAL D 287 14.42 28.20 -18.18
C VAL D 287 15.69 29.04 -18.20
N ARG D 288 16.60 28.74 -17.29
CA ARG D 288 17.91 29.36 -17.22
C ARG D 288 18.89 28.27 -16.82
N GLY D 289 19.94 28.09 -17.62
CA GLY D 289 20.93 27.09 -17.32
C GLY D 289 22.15 27.66 -16.63
N SER D 290 22.91 26.79 -15.98
CA SER D 290 24.17 27.14 -15.36
C SER D 290 25.31 26.54 -16.19
N HIS D 291 26.25 27.37 -16.59
CA HIS D 291 27.41 26.89 -17.32
C HIS D 291 28.68 26.94 -16.47
N ALA D 292 28.51 26.91 -15.14
CA ALA D 292 29.67 27.05 -14.25
C ALA D 292 30.65 25.92 -14.44
N ARG D 293 30.16 24.71 -14.68
CA ARG D 293 31.04 23.57 -14.89
C ARG D 293 31.83 23.74 -16.18
N LEU D 294 31.14 24.12 -17.26
CA LEU D 294 31.81 24.36 -18.54
C LEU D 294 32.89 25.44 -18.38
N HIS D 295 32.54 26.54 -17.74
CA HIS D 295 33.47 27.64 -17.63
C HIS D 295 34.69 27.28 -16.79
N ASP D 296 34.50 26.52 -15.70
CA ASP D 296 35.66 26.21 -14.87
C ASP D 296 36.58 25.22 -15.56
N ALA D 297 36.05 24.37 -16.44
CA ALA D 297 36.90 23.42 -17.13
C ALA D 297 37.58 24.03 -18.35
N THR D 298 37.06 25.13 -18.91
CA THR D 298 37.55 25.63 -20.20
C THR D 298 37.71 27.13 -20.30
N GLY D 299 37.31 27.92 -19.30
CA GLY D 299 37.34 29.38 -19.42
C GLY D 299 36.34 29.98 -20.38
N TRP D 300 35.56 29.17 -21.10
CA TRP D 300 34.60 29.66 -22.08
C TRP D 300 33.61 30.63 -21.47
N LYS D 301 33.25 31.67 -22.22
CA LYS D 301 32.11 32.50 -21.88
C LYS D 301 31.47 32.95 -23.19
N PRO D 302 30.18 33.30 -23.17
CA PRO D 302 29.55 33.82 -24.39
C PRO D 302 30.17 35.15 -24.76
N GLU D 303 30.41 35.34 -26.07
CA GLU D 303 31.00 36.58 -26.55
C GLU D 303 30.05 37.40 -27.39
N ILE D 304 28.94 36.82 -27.86
CA ILE D 304 28.05 37.47 -28.80
C ILE D 304 26.78 37.87 -28.06
N THR D 305 26.47 39.16 -28.09
CA THR D 305 25.27 39.69 -27.40
C THR D 305 23.99 39.27 -28.13
N ILE D 306 22.87 39.24 -27.42
CA ILE D 306 21.55 38.86 -28.03
C ILE D 306 21.25 39.80 -29.20
N LYS D 307 21.48 41.11 -29.01
CA LYS D 307 21.22 42.12 -30.07
C LYS D 307 22.00 41.73 -31.33
N GLN D 308 23.30 41.48 -31.19
CA GLN D 308 24.17 41.10 -32.33
C GLN D 308 23.61 39.86 -33.03
N SER D 309 23.17 38.87 -32.26
CA SER D 309 22.61 37.62 -32.83
C SER D 309 21.35 37.94 -33.63
N LEU D 310 20.46 38.77 -33.06
CA LEU D 310 19.20 39.14 -33.74
C LEU D 310 19.50 39.90 -35.04
N ARG D 311 20.46 40.82 -35.00
CA ARG D 311 20.82 41.63 -36.20
C ARG D 311 21.24 40.68 -37.33
N ALA D 312 22.01 39.65 -36.99
CA ALA D 312 22.53 38.67 -37.98
C ALA D 312 21.40 37.75 -38.46
N ILE D 313 20.47 37.34 -37.56
CA ILE D 313 19.33 36.45 -37.96
C ILE D 313 18.39 37.21 -38.89
N LEU D 314 18.23 38.55 -38.64
CA LEU D 314 17.34 39.40 -39.49
C LEU D 314 18.02 39.59 -40.85
N SER D 315 19.31 39.95 -40.85
CA SER D 315 20.06 40.16 -42.10
C SER D 315 20.04 38.89 -42.96
N ASP D 316 20.23 37.73 -42.33
CA ASP D 316 20.23 36.43 -43.06
C ASP D 316 18.82 36.15 -43.59
N TRP D 317 17.78 36.56 -42.85
CA TRP D 317 16.39 36.32 -43.31
C TRP D 317 16.05 37.32 -44.40
N GLU D 318 16.57 38.55 -44.30
CA GLU D 318 16.32 39.60 -45.32
C GLU D 318 16.70 39.04 -46.69
N SER D 319 17.91 38.48 -46.80
CA SER D 319 18.42 37.91 -48.07
C SER D 319 17.61 36.65 -48.42
N ARG D 320 17.18 35.91 -47.40
CA ARG D 320 16.37 34.67 -47.62
C ARG D 320 14.96 35.07 -48.08
#